data_9ESE
#
_entry.id   9ESE
#
_cell.length_a   84.949
_cell.length_b   91.073
_cell.length_c   130.355
_cell.angle_alpha   90
_cell.angle_beta   90
_cell.angle_gamma   90
#
_symmetry.space_group_name_H-M   'P 21 21 21'
#
loop_
_entity.id
_entity.type
_entity.pdbx_description
1 polymer 'Indoleamine 2,3-dioxygenase 1'
2 non-polymer 'PROTOPORPHYRIN IX CONTAINING FE'
3 non-polymer (~{R})-(2-cyclopropylimidazo[5,1-b][1,3]thiazol-3-yl)-[1-(1~{H}-indol-5-yl)-1,2,3-triazol-4-yl]methanol
4 water water
#
_entity_poly.entity_id   1
_entity_poly.type   'polypeptide(L)'
_entity_poly.pdbx_seq_one_letter_code
;MGSSHHHHHHSAALEVLFQGPHMWTISKEYHIDEEVGFALPNPQENLPDFYNDWMFIAKHLPDLIESGQLRERVEKLNML
SIDHLTDHKSQRLARLVLGCITMAYVWGKGHGDVRKVLPRNIAVPYCQLSKKLELPPILVYADCVLANWKKKDPNKPLTY
ENMDVLFSFRDGDCSKGFFLVSLLVEIAAASAIKVIPTVFKAMQMQERDTLLKALLEIASCLEKALQVFHQIHDHVNPKA
FFSVLRIYLSGWKGNPQLSDGLVYEGFWEDPKEFAGGSAGQSSVFQCFDVLLGIQQTAGGGHAAQFLQDMRRYMPPAHRN
FLCSLESNPSVREFVLSKGDAGLREAYDACVKALVSLRSYHLQIVTKYILIPASQQPKENKTSEDPSKLEAKGTGGTDLM
NFLKTVRSTTEKSLLKEG
;
_entity_poly.pdbx_strand_id   A,B
#
# COMPACT_ATOMS: atom_id res chain seq x y z
N ALA A 13 -1.06 14.65 14.09
CA ALA A 13 -0.41 13.37 13.83
C ALA A 13 0.15 12.72 15.12
N LEU A 14 0.66 13.55 16.04
CA LEU A 14 1.12 13.04 17.32
C LEU A 14 -0.10 12.68 18.19
N GLU A 15 -1.19 13.48 18.08
CA GLU A 15 -2.47 13.28 18.79
C GLU A 15 -3.14 11.98 18.34
N VAL A 16 -3.05 11.65 17.05
CA VAL A 16 -3.60 10.40 16.52
C VAL A 16 -2.79 9.19 17.05
N LEU A 17 -1.49 9.37 17.33
CA LEU A 17 -0.65 8.31 17.88
C LEU A 17 -1.06 8.02 19.34
N PHE A 18 -1.45 9.06 20.10
CA PHE A 18 -1.85 8.89 21.51
C PHE A 18 -3.32 8.60 21.72
N GLN A 19 -4.22 9.15 20.90
CA GLN A 19 -5.67 8.95 21.11
C GLN A 19 -6.35 8.08 20.03
N GLY A 20 -5.59 7.64 19.02
CA GLY A 20 -6.08 6.77 17.97
C GLY A 20 -6.57 7.48 16.73
N PRO A 21 -6.99 6.71 15.71
CA PRO A 21 -7.52 7.34 14.50
C PRO A 21 -8.83 8.11 14.74
N HIS A 22 -8.81 9.40 14.42
CA HIS A 22 -9.98 10.25 14.56
C HIS A 22 -9.80 11.44 13.67
N MET A 23 -10.67 11.59 12.67
CA MET A 23 -10.54 12.70 11.75
C MET A 23 -11.59 13.74 12.01
N TRP A 24 -11.45 14.47 13.13
CA TRP A 24 -12.40 15.54 13.47
C TRP A 24 -12.14 16.84 12.70
N THR A 25 -10.98 16.93 12.04
CA THR A 25 -10.55 18.05 11.23
C THR A 25 -9.45 17.60 10.26
N ILE A 26 -9.39 18.24 9.07
CA ILE A 26 -8.33 17.92 8.13
C ILE A 26 -7.12 18.80 8.40
N SER A 27 -6.07 18.20 8.95
CA SER A 27 -4.85 18.92 9.27
C SER A 27 -4.13 19.38 8.03
N LYS A 28 -3.44 20.53 8.16
CA LYS A 28 -2.63 21.10 7.10
C LYS A 28 -1.53 20.13 6.63
N GLU A 29 -1.09 19.22 7.52
CA GLU A 29 -0.09 18.20 7.24
C GLU A 29 -0.51 17.22 6.12
N TYR A 30 -1.80 17.20 5.75
CA TYR A 30 -2.26 16.36 4.64
C TYR A 30 -2.15 17.02 3.27
N HIS A 31 -1.81 18.34 3.23
CA HIS A 31 -1.61 19.11 2.01
C HIS A 31 -2.83 19.13 1.09
N ILE A 32 -4.00 19.30 1.70
CA ILE A 32 -5.26 19.46 0.96
C ILE A 32 -5.66 20.93 1.07
N ASP A 33 -5.93 21.56 -0.06
CA ASP A 33 -6.31 22.96 -0.12
C ASP A 33 -7.82 23.14 0.04
N GLU A 34 -8.23 24.23 0.68
CA GLU A 34 -9.65 24.53 0.88
C GLU A 34 -10.36 24.73 -0.46
N GLU A 35 -9.68 25.30 -1.44
CA GLU A 35 -10.24 25.60 -2.75
C GLU A 35 -9.99 24.54 -3.83
N VAL A 36 -8.72 24.12 -4.04
CA VAL A 36 -8.41 23.16 -5.10
C VAL A 36 -8.22 21.69 -4.61
N GLY A 37 -8.33 21.46 -3.29
CA GLY A 37 -8.21 20.13 -2.71
C GLY A 37 -6.86 19.45 -2.88
N PHE A 38 -6.84 18.32 -3.61
CA PHE A 38 -5.60 17.60 -3.84
C PHE A 38 -4.71 18.28 -4.89
N ALA A 39 -5.26 19.17 -5.72
CA ALA A 39 -4.45 19.91 -6.69
C ALA A 39 -3.48 20.84 -5.96
N LEU A 40 -2.36 21.14 -6.61
CA LEU A 40 -1.37 22.03 -6.02
C LEU A 40 -1.92 23.44 -6.19
N PRO A 41 -2.14 24.18 -5.09
CA PRO A 41 -2.67 25.54 -5.23
C PRO A 41 -1.64 26.47 -5.85
N ASN A 42 -2.06 27.35 -6.78
CA ASN A 42 -1.21 28.31 -7.49
C ASN A 42 0.18 27.76 -7.84
N PRO A 43 0.26 26.85 -8.81
CA PRO A 43 1.57 26.27 -9.14
C PRO A 43 2.52 27.31 -9.73
N GLN A 44 3.82 27.07 -9.56
CA GLN A 44 4.87 27.93 -10.08
C GLN A 44 4.97 27.79 -11.59
N GLU A 45 5.06 28.90 -12.33
CA GLU A 45 5.16 28.85 -13.78
C GLU A 45 6.58 28.82 -14.29
N ASN A 46 7.52 29.49 -13.59
CA ASN A 46 8.91 29.57 -14.02
C ASN A 46 9.89 29.12 -12.95
N LEU A 47 10.95 28.44 -13.38
CA LEU A 47 12.03 27.99 -12.50
C LEU A 47 13.09 29.09 -12.38
N PRO A 48 13.98 29.07 -11.35
CA PRO A 48 15.07 30.07 -11.31
C PRO A 48 15.94 29.99 -12.58
N ASP A 49 16.52 31.13 -12.98
CA ASP A 49 17.33 31.25 -14.21
C ASP A 49 18.41 30.15 -14.37
N PHE A 50 18.86 29.55 -13.27
CA PHE A 50 19.83 28.45 -13.25
C PHE A 50 19.35 27.24 -14.09
N TYR A 51 18.00 27.08 -14.24
CA TYR A 51 17.39 25.96 -14.97
C TYR A 51 16.72 26.35 -16.27
N ASN A 52 17.13 27.47 -16.89
CA ASN A 52 16.55 27.92 -18.16
C ASN A 52 16.80 26.93 -19.31
N ASP A 53 17.84 26.11 -19.22
CA ASP A 53 18.13 25.10 -20.24
C ASP A 53 17.09 23.96 -20.21
N TRP A 54 16.56 23.65 -19.02
CA TRP A 54 15.50 22.65 -18.88
C TRP A 54 14.20 23.28 -19.38
N MET A 55 13.91 24.51 -18.91
CA MET A 55 12.72 25.26 -19.25
C MET A 55 12.55 25.46 -20.74
N PHE A 56 13.67 25.67 -21.47
CA PHE A 56 13.58 25.89 -22.91
C PHE A 56 13.06 24.62 -23.58
N ILE A 57 13.65 23.46 -23.24
CA ILE A 57 13.27 22.17 -23.82
C ILE A 57 11.83 21.82 -23.51
N ALA A 58 11.42 21.95 -22.23
CA ALA A 58 10.08 21.64 -21.76
C ALA A 58 9.02 22.53 -22.40
N LYS A 59 9.30 23.83 -22.50
CA LYS A 59 8.35 24.75 -23.12
C LYS A 59 8.29 24.61 -24.65
N HIS A 60 9.22 23.85 -25.27
CA HIS A 60 9.25 23.69 -26.71
C HIS A 60 9.25 22.24 -27.17
N LEU A 61 8.52 21.37 -26.47
CA LEU A 61 8.42 19.97 -26.85
C LEU A 61 7.74 19.79 -28.22
N PRO A 62 6.63 20.49 -28.55
CA PRO A 62 6.02 20.29 -29.86
C PRO A 62 6.96 20.54 -31.03
N ASP A 63 7.71 21.65 -30.97
CA ASP A 63 8.64 22.02 -32.04
C ASP A 63 9.92 21.19 -32.02
N LEU A 64 10.48 20.92 -30.84
CA LEU A 64 11.69 20.11 -30.75
C LEU A 64 11.47 18.65 -31.11
N ILE A 65 10.28 18.08 -30.83
CA ILE A 65 10.01 16.69 -31.16
C ILE A 65 9.84 16.61 -32.68
N GLU A 66 8.99 17.47 -33.24
CA GLU A 66 8.65 17.54 -34.67
C GLU A 66 9.87 17.79 -35.56
N SER A 67 10.78 18.67 -35.12
CA SER A 67 12.00 18.97 -35.88
C SER A 67 13.05 17.85 -35.79
N GLY A 68 12.97 17.00 -34.76
CA GLY A 68 13.98 15.97 -34.54
C GLY A 68 15.16 16.45 -33.69
N GLN A 69 15.12 17.71 -33.25
CA GLN A 69 16.17 18.29 -32.44
C GLN A 69 16.06 17.95 -30.95
N LEU A 70 14.93 17.36 -30.49
CA LEU A 70 14.72 17.13 -29.06
C LEU A 70 15.75 16.22 -28.39
N ARG A 71 15.94 15.00 -28.89
CA ARG A 71 16.87 14.07 -28.24
C ARG A 71 18.29 14.63 -28.17
N GLU A 72 18.69 15.38 -29.21
CA GLU A 72 19.97 16.06 -29.28
C GLU A 72 20.06 17.13 -28.18
N ARG A 73 19.05 18.01 -28.05
CA ARG A 73 19.05 19.07 -27.02
C ARG A 73 19.13 18.51 -25.61
N VAL A 74 18.53 17.32 -25.38
CA VAL A 74 18.58 16.67 -24.07
C VAL A 74 20.00 16.17 -23.85
N GLU A 75 20.58 15.47 -24.85
CA GLU A 75 21.94 14.95 -24.82
C GLU A 75 23.01 16.04 -24.67
N LYS A 76 22.72 17.26 -25.12
CA LYS A 76 23.62 18.41 -25.04
C LYS A 76 23.56 19.16 -23.67
N LEU A 77 22.67 18.74 -22.77
CA LEU A 77 22.53 19.40 -21.47
C LEU A 77 23.67 19.08 -20.53
N ASN A 78 23.96 20.02 -19.63
CA ASN A 78 24.94 19.78 -18.59
C ASN A 78 24.16 19.38 -17.33
N MET A 79 24.65 18.36 -16.59
CA MET A 79 23.94 17.91 -15.39
C MET A 79 23.88 18.99 -14.32
N LEU A 80 22.67 19.51 -14.05
CA LEU A 80 22.47 20.55 -13.04
C LEU A 80 22.12 19.96 -11.68
N SER A 81 22.46 20.68 -10.60
CA SER A 81 22.16 20.23 -9.26
C SER A 81 20.74 20.62 -8.88
N ILE A 82 20.04 19.76 -8.13
CA ILE A 82 18.70 20.11 -7.66
C ILE A 82 18.74 21.09 -6.48
N ASP A 83 19.95 21.47 -5.99
CA ASP A 83 20.18 22.37 -4.86
C ASP A 83 19.59 23.77 -5.03
N HIS A 84 19.29 24.21 -6.27
CA HIS A 84 18.69 25.54 -6.47
C HIS A 84 17.16 25.54 -6.50
N LEU A 85 16.53 24.43 -6.09
CA LEU A 85 15.09 24.31 -5.98
C LEU A 85 14.82 24.34 -4.48
N THR A 86 14.61 25.53 -3.91
CA THR A 86 14.43 25.74 -2.47
C THR A 86 13.02 25.40 -1.94
N ASP A 87 11.97 26.00 -2.52
CA ASP A 87 10.60 25.75 -2.06
C ASP A 87 9.98 24.52 -2.70
N HIS A 88 8.88 24.02 -2.10
CA HIS A 88 8.17 22.85 -2.59
C HIS A 88 7.56 23.08 -3.98
N LYS A 89 7.05 24.29 -4.25
CA LYS A 89 6.45 24.60 -5.55
C LYS A 89 7.45 24.57 -6.70
N SER A 90 8.71 24.95 -6.43
CA SER A 90 9.77 24.89 -7.46
C SER A 90 10.18 23.43 -7.71
N GLN A 91 10.22 22.62 -6.64
CA GLN A 91 10.51 21.20 -6.74
C GLN A 91 9.42 20.47 -7.55
N ARG A 92 8.16 20.88 -7.38
CA ARG A 92 7.02 20.29 -8.10
C ARG A 92 7.03 20.69 -9.57
N LEU A 93 7.43 21.94 -9.86
CA LEU A 93 7.55 22.44 -11.22
C LEU A 93 8.68 21.71 -11.92
N ALA A 94 9.83 21.55 -11.24
CA ALA A 94 10.97 20.83 -11.81
C ALA A 94 10.61 19.36 -12.11
N ARG A 95 9.72 18.75 -11.32
CA ARG A 95 9.25 17.38 -11.53
C ARG A 95 8.40 17.28 -12.82
N LEU A 96 7.58 18.31 -13.04
CA LEU A 96 6.72 18.40 -14.21
C LEU A 96 7.59 18.67 -15.45
N VAL A 97 8.55 19.61 -15.33
CA VAL A 97 9.49 19.94 -16.40
C VAL A 97 10.30 18.71 -16.81
N LEU A 98 11.01 18.09 -15.86
CA LEU A 98 11.83 16.91 -16.13
C LEU A 98 11.02 15.71 -16.57
N GLY A 99 9.81 15.58 -16.02
CA GLY A 99 8.92 14.49 -16.38
C GLY A 99 8.44 14.58 -17.81
N CYS A 100 8.09 15.79 -18.25
CA CYS A 100 7.62 16.05 -19.61
C CYS A 100 8.75 15.84 -20.60
N ILE A 101 9.99 16.20 -20.22
CA ILE A 101 11.15 16.01 -21.06
C ILE A 101 11.46 14.51 -21.17
N THR A 102 11.35 13.77 -20.07
CA THR A 102 11.62 12.34 -20.06
C THR A 102 10.65 11.59 -20.95
N MET A 103 9.35 11.92 -20.89
CA MET A 103 8.36 11.25 -21.74
C MET A 103 8.65 11.54 -23.22
N ALA A 104 9.01 12.79 -23.53
CA ALA A 104 9.32 13.19 -24.90
C ALA A 104 10.60 12.53 -25.40
N TYR A 105 11.59 12.36 -24.53
CA TYR A 105 12.85 11.74 -24.90
C TYR A 105 12.66 10.25 -25.19
N VAL A 106 11.94 9.55 -24.30
CA VAL A 106 11.72 8.12 -24.45
C VAL A 106 10.90 7.79 -25.69
N TRP A 107 9.85 8.56 -25.96
CA TRP A 107 8.95 8.25 -27.06
C TRP A 107 9.28 8.94 -28.36
N GLY A 108 9.93 10.09 -28.31
CA GLY A 108 10.28 10.85 -29.50
C GLY A 108 9.05 11.26 -30.28
N LYS A 109 9.01 10.95 -31.59
CA LYS A 109 7.82 11.22 -32.41
C LYS A 109 6.67 10.22 -32.15
N GLY A 110 6.95 9.16 -31.39
CA GLY A 110 5.97 8.17 -30.98
C GLY A 110 5.56 7.18 -32.04
N HIS A 111 6.34 7.06 -33.11
CA HIS A 111 5.99 6.16 -34.18
C HIS A 111 7.05 5.09 -34.36
N GLY A 112 7.41 4.45 -33.26
CA GLY A 112 8.36 3.34 -33.30
C GLY A 112 9.66 3.47 -32.52
N ASP A 113 10.53 4.41 -32.93
CA ASP A 113 11.86 4.60 -32.32
C ASP A 113 11.81 5.01 -30.86
N VAL A 114 12.06 4.08 -29.96
CA VAL A 114 12.06 4.34 -28.53
C VAL A 114 13.49 4.47 -28.01
N ARG A 115 13.72 5.34 -27.02
CA ARG A 115 15.02 5.43 -26.37
C ARG A 115 14.92 4.61 -25.08
N LYS A 116 15.76 3.58 -24.92
CA LYS A 116 15.72 2.73 -23.73
C LYS A 116 16.64 3.23 -22.59
N VAL A 117 17.42 4.30 -22.82
CA VAL A 117 18.31 4.84 -21.80
C VAL A 117 18.10 6.33 -21.62
N LEU A 118 17.85 6.78 -20.39
CA LEU A 118 17.71 8.19 -20.11
C LEU A 118 19.07 8.77 -19.72
N PRO A 119 19.61 9.74 -20.48
CA PRO A 119 20.95 10.29 -20.18
C PRO A 119 21.13 10.79 -18.74
N ARG A 120 22.32 10.62 -18.16
CA ARG A 120 22.55 10.98 -16.77
C ARG A 120 22.39 12.46 -16.48
N ASN A 121 22.71 13.34 -17.44
CA ASN A 121 22.56 14.80 -17.24
C ASN A 121 21.10 15.23 -16.92
N ILE A 122 20.12 14.32 -17.19
CA ILE A 122 18.71 14.55 -16.85
C ILE A 122 18.20 13.51 -15.84
N ALA A 123 18.57 12.23 -16.01
CA ALA A 123 18.14 11.13 -15.13
C ALA A 123 18.64 11.25 -13.69
N VAL A 124 19.86 11.76 -13.50
CA VAL A 124 20.41 11.90 -12.14
C VAL A 124 19.60 12.94 -11.35
N PRO A 125 19.46 14.20 -11.81
CA PRO A 125 18.66 15.16 -11.03
C PRO A 125 17.16 14.81 -10.98
N TYR A 126 16.64 14.07 -11.97
CA TYR A 126 15.23 13.67 -11.95
C TYR A 126 15.01 12.69 -10.83
N CYS A 127 15.87 11.66 -10.71
CA CYS A 127 15.75 10.68 -9.65
C CYS A 127 16.05 11.25 -8.27
N GLN A 128 16.92 12.28 -8.21
CA GLN A 128 17.28 12.93 -6.97
C GLN A 128 16.07 13.69 -6.43
N LEU A 129 15.45 14.51 -7.28
CA LEU A 129 14.28 15.31 -6.95
C LEU A 129 13.07 14.40 -6.66
N SER A 130 12.94 13.29 -7.40
CA SER A 130 11.89 12.31 -7.18
C SER A 130 12.04 11.65 -5.82
N LYS A 131 13.28 11.33 -5.42
CA LYS A 131 13.56 10.71 -4.11
C LYS A 131 13.21 11.67 -2.98
N LYS A 132 13.49 12.97 -3.16
CA LYS A 132 13.17 13.97 -2.15
C LYS A 132 11.65 14.06 -1.94
N LEU A 133 10.89 14.12 -3.05
CA LEU A 133 9.43 14.24 -3.02
C LEU A 133 8.68 12.92 -2.85
N GLU A 134 9.38 11.80 -2.68
CA GLU A 134 8.79 10.47 -2.51
C GLU A 134 7.87 10.05 -3.65
N LEU A 135 8.21 10.45 -4.88
CA LEU A 135 7.46 10.09 -6.06
C LEU A 135 8.37 9.36 -7.06
N PRO A 136 7.82 8.50 -7.94
CA PRO A 136 8.69 7.78 -8.90
C PRO A 136 9.24 8.69 -9.99
N PRO A 137 10.38 8.33 -10.58
CA PRO A 137 10.92 9.16 -11.67
C PRO A 137 10.20 8.91 -13.01
N ILE A 138 8.90 9.18 -13.03
CA ILE A 138 8.02 9.12 -14.19
C ILE A 138 6.95 10.18 -14.00
N LEU A 139 6.43 10.72 -15.11
CA LEU A 139 5.39 11.73 -15.05
C LEU A 139 4.11 11.11 -14.43
N VAL A 140 3.60 11.70 -13.33
CA VAL A 140 2.40 11.20 -12.66
C VAL A 140 1.23 12.19 -12.80
N TYR A 141 0.01 11.77 -12.44
CA TYR A 141 -1.20 12.58 -12.44
C TYR A 141 -0.97 13.87 -11.63
N ALA A 142 -0.22 13.80 -10.52
CA ALA A 142 0.09 14.97 -9.68
C ALA A 142 1.00 15.99 -10.38
N ASP A 143 1.75 15.56 -11.41
CA ASP A 143 2.58 16.47 -12.18
C ASP A 143 1.76 17.10 -13.31
N CYS A 144 1.30 16.28 -14.28
CA CYS A 144 0.64 16.84 -15.46
C CYS A 144 -0.81 17.25 -15.25
N VAL A 145 -1.43 16.92 -14.10
CA VAL A 145 -2.78 17.37 -13.86
C VAL A 145 -2.80 18.36 -12.68
N LEU A 146 -2.39 17.91 -11.49
CA LEU A 146 -2.46 18.74 -10.28
C LEU A 146 -1.48 19.93 -10.23
N ALA A 147 -0.33 19.86 -10.93
CA ALA A 147 0.65 20.97 -10.92
C ALA A 147 0.81 21.67 -12.29
N ASN A 148 0.21 21.12 -13.34
CA ASN A 148 0.34 21.63 -14.70
C ASN A 148 -0.76 22.63 -15.08
N TRP A 149 -0.92 23.69 -14.27
CA TRP A 149 -1.96 24.68 -14.54
C TRP A 149 -1.61 26.08 -14.02
N LYS A 150 -2.34 27.08 -14.51
CA LYS A 150 -2.19 28.47 -14.09
C LYS A 150 -3.48 29.24 -14.36
N LYS A 151 -3.71 30.31 -13.61
CA LYS A 151 -4.83 31.20 -13.84
C LYS A 151 -4.31 32.29 -14.79
N LYS A 152 -5.03 32.56 -15.89
CA LYS A 152 -4.66 33.60 -16.85
C LYS A 152 -4.74 34.95 -16.14
N ASP A 153 -5.87 35.19 -15.45
CA ASP A 153 -6.10 36.39 -14.64
C ASP A 153 -6.35 35.94 -13.22
N PRO A 154 -5.44 36.32 -12.29
CA PRO A 154 -5.62 35.90 -10.88
C PRO A 154 -6.90 36.43 -10.22
N ASN A 155 -7.43 37.55 -10.74
CA ASN A 155 -8.66 38.14 -10.20
C ASN A 155 -9.94 37.46 -10.70
N LYS A 156 -9.85 36.65 -11.77
CA LYS A 156 -11.00 35.94 -12.30
C LYS A 156 -11.09 34.52 -11.65
N PRO A 157 -12.25 33.84 -11.67
CA PRO A 157 -12.37 32.55 -10.96
C PRO A 157 -11.74 31.34 -11.66
N LEU A 158 -11.75 30.18 -10.97
CA LEU A 158 -11.25 28.92 -11.48
C LEU A 158 -12.23 28.31 -12.47
N THR A 159 -12.26 28.85 -13.68
CA THR A 159 -13.10 28.36 -14.77
C THR A 159 -12.18 28.00 -15.96
N TYR A 160 -12.64 27.16 -16.90
CA TYR A 160 -11.82 26.75 -18.05
C TYR A 160 -11.30 27.95 -18.84
N GLU A 161 -12.15 28.96 -19.03
CA GLU A 161 -11.81 30.18 -19.78
C GLU A 161 -10.70 30.99 -19.16
N ASN A 162 -10.56 30.92 -17.83
CA ASN A 162 -9.51 31.65 -17.13
C ASN A 162 -8.30 30.78 -16.77
N MET A 163 -8.17 29.58 -17.37
CA MET A 163 -7.05 28.69 -17.04
C MET A 163 -6.30 28.17 -18.25
N ASP A 164 -5.07 27.72 -18.03
CA ASP A 164 -4.21 27.13 -19.05
C ASP A 164 -3.24 26.12 -18.43
N VAL A 165 -2.69 25.20 -19.24
CA VAL A 165 -1.67 24.29 -18.75
C VAL A 165 -0.28 24.91 -18.93
N LEU A 166 0.72 24.45 -18.19
CA LEU A 166 2.07 24.95 -18.33
C LEU A 166 2.80 24.25 -19.50
N PHE A 167 2.57 22.94 -19.71
CA PHE A 167 3.26 22.20 -20.77
C PHE A 167 2.38 21.29 -21.60
N SER A 168 2.72 21.16 -22.88
CA SER A 168 2.10 20.29 -23.86
C SER A 168 3.15 19.40 -24.54
N PHE A 169 2.75 18.33 -25.22
CA PHE A 169 3.72 17.45 -25.88
C PHE A 169 3.89 17.77 -27.35
N ARG A 170 2.77 17.82 -28.08
CA ARG A 170 2.73 18.10 -29.50
C ARG A 170 1.65 19.13 -29.82
N ASP A 171 1.72 19.76 -31.00
CA ASP A 171 0.69 20.69 -31.43
C ASP A 171 -0.54 19.86 -31.77
N GLY A 172 -1.69 20.30 -31.26
CA GLY A 172 -2.95 19.61 -31.49
C GLY A 172 -3.13 18.35 -30.69
N ASP A 173 -2.32 18.13 -29.63
CA ASP A 173 -2.45 16.93 -28.80
C ASP A 173 -3.63 16.94 -27.84
N CYS A 174 -4.32 18.09 -27.70
CA CYS A 174 -5.46 18.29 -26.80
C CYS A 174 -5.09 18.16 -25.31
N SER A 175 -3.80 18.33 -24.98
CA SER A 175 -3.25 18.25 -23.64
C SER A 175 -3.93 19.25 -22.74
N LYS A 176 -4.19 20.48 -23.22
CA LYS A 176 -4.85 21.49 -22.41
C LYS A 176 -6.25 21.03 -21.97
N GLY A 177 -7.00 20.52 -22.93
CA GLY A 177 -8.35 20.04 -22.66
C GLY A 177 -8.39 18.82 -21.78
N PHE A 178 -7.54 17.81 -22.06
CA PHE A 178 -7.51 16.60 -21.27
C PHE A 178 -7.11 16.87 -19.82
N PHE A 179 -6.05 17.66 -19.63
CA PHE A 179 -5.55 17.95 -18.29
C PHE A 179 -6.44 18.90 -17.50
N LEU A 180 -6.92 20.01 -18.13
CA LEU A 180 -7.74 20.98 -17.39
C LEU A 180 -9.10 20.43 -17.05
N VAL A 181 -9.68 19.59 -17.92
CA VAL A 181 -10.99 19.01 -17.63
C VAL A 181 -10.87 18.01 -16.47
N SER A 182 -9.74 17.24 -16.41
CA SER A 182 -9.50 16.34 -15.27
C SER A 182 -9.36 17.18 -13.99
N LEU A 183 -8.60 18.26 -14.06
CA LEU A 183 -8.38 19.17 -12.96
C LEU A 183 -9.66 19.83 -12.46
N LEU A 184 -10.53 20.28 -13.37
CA LEU A 184 -11.78 20.92 -12.98
C LEU A 184 -12.73 19.94 -12.30
N VAL A 185 -12.72 18.65 -12.72
CA VAL A 185 -13.50 17.59 -12.09
C VAL A 185 -12.91 17.30 -10.69
N GLU A 186 -11.58 17.31 -10.56
CA GLU A 186 -10.87 17.12 -9.30
C GLU A 186 -11.28 18.19 -8.30
N ILE A 187 -11.32 19.46 -8.74
CA ILE A 187 -11.66 20.57 -7.87
C ILE A 187 -13.14 20.54 -7.52
N ALA A 188 -14.00 20.10 -8.46
CA ALA A 188 -15.43 20.00 -8.22
C ALA A 188 -15.69 18.97 -7.13
N ALA A 189 -15.00 17.81 -7.19
CA ALA A 189 -15.13 16.74 -6.20
C ALA A 189 -14.52 17.14 -4.84
N ALA A 190 -13.49 17.98 -4.85
CA ALA A 190 -12.76 18.45 -3.68
C ALA A 190 -13.64 19.25 -2.72
N SER A 191 -14.71 19.86 -3.22
CA SER A 191 -15.62 20.62 -2.37
C SER A 191 -16.28 19.70 -1.31
N ALA A 192 -16.34 18.39 -1.54
CA ALA A 192 -16.89 17.45 -0.58
C ALA A 192 -15.88 17.01 0.50
N ILE A 193 -14.56 17.24 0.29
CA ILE A 193 -13.52 16.84 1.23
C ILE A 193 -13.71 17.49 2.58
N LYS A 194 -14.06 18.79 2.61
CA LYS A 194 -14.30 19.49 3.87
C LYS A 194 -15.47 18.93 4.68
N VAL A 195 -16.35 18.14 4.05
CA VAL A 195 -17.48 17.53 4.71
C VAL A 195 -17.09 16.24 5.48
N ILE A 196 -15.93 15.64 5.13
CA ILE A 196 -15.40 14.42 5.75
C ILE A 196 -15.28 14.55 7.30
N PRO A 197 -14.62 15.60 7.85
CA PRO A 197 -14.58 15.73 9.32
C PRO A 197 -15.98 15.75 9.98
N THR A 198 -16.97 16.36 9.30
CA THR A 198 -18.35 16.42 9.80
C THR A 198 -18.94 15.02 9.88
N VAL A 199 -18.66 14.17 8.90
CA VAL A 199 -19.16 12.80 8.84
C VAL A 199 -18.60 11.98 10.00
N PHE A 200 -17.30 12.08 10.28
CA PHE A 200 -16.69 11.31 11.35
C PHE A 200 -17.11 11.80 12.72
N LYS A 201 -17.25 13.12 12.89
CA LYS A 201 -17.67 13.69 14.16
C LYS A 201 -19.12 13.35 14.41
N ALA A 202 -19.98 13.39 13.37
CA ALA A 202 -21.40 13.04 13.51
C ALA A 202 -21.61 11.59 13.88
N MET A 203 -20.77 10.68 13.36
CA MET A 203 -20.88 9.27 13.72
C MET A 203 -20.45 9.06 15.18
N GLN A 204 -19.34 9.69 15.59
CA GLN A 204 -18.82 9.60 16.96
C GLN A 204 -19.86 10.13 17.95
N MET A 205 -20.35 11.35 17.71
CA MET A 205 -21.33 11.99 18.56
C MET A 205 -22.74 11.46 18.41
N GLN A 206 -22.99 10.55 17.46
CA GLN A 206 -24.30 9.99 17.19
C GLN A 206 -25.29 11.09 16.82
N GLU A 207 -24.88 11.99 15.93
CA GLU A 207 -25.71 13.08 15.45
C GLU A 207 -26.29 12.66 14.11
N ARG A 208 -27.42 11.96 14.17
CA ARG A 208 -28.10 11.40 13.00
C ARG A 208 -28.46 12.46 11.92
N ASP A 209 -29.04 13.60 12.32
CA ASP A 209 -29.47 14.59 11.35
C ASP A 209 -28.29 15.25 10.66
N THR A 210 -27.22 15.51 11.44
CA THR A 210 -25.99 16.10 10.94
C THR A 210 -25.36 15.17 9.89
N LEU A 211 -25.29 13.87 10.17
CA LEU A 211 -24.73 12.90 9.24
C LEU A 211 -25.55 12.84 7.96
N LEU A 212 -26.88 13.02 8.05
CA LEU A 212 -27.74 13.02 6.88
C LEU A 212 -27.46 14.22 5.98
N LYS A 213 -27.37 15.43 6.58
CA LYS A 213 -27.08 16.65 5.84
C LYS A 213 -25.70 16.56 5.21
N ALA A 214 -24.71 16.01 5.96
CA ALA A 214 -23.34 15.83 5.52
C ALA A 214 -23.26 14.86 4.34
N LEU A 215 -23.97 13.71 4.40
CA LEU A 215 -23.95 12.77 3.28
C LEU A 215 -24.62 13.38 2.06
N LEU A 216 -25.71 14.13 2.25
CA LEU A 216 -26.40 14.78 1.14
C LEU A 216 -25.55 15.89 0.52
N GLU A 217 -24.72 16.57 1.33
CA GLU A 217 -23.84 17.62 0.85
C GLU A 217 -22.71 17.00 0.00
N ILE A 218 -22.19 15.84 0.40
CA ILE A 218 -21.16 15.15 -0.38
C ILE A 218 -21.74 14.71 -1.73
N ALA A 219 -22.98 14.21 -1.73
CA ALA A 219 -23.66 13.78 -2.93
C ALA A 219 -23.83 14.93 -3.92
N SER A 220 -24.22 16.12 -3.44
CA SER A 220 -24.41 17.27 -4.30
C SER A 220 -23.10 17.76 -4.94
N CYS A 221 -21.98 17.62 -4.23
CA CYS A 221 -20.66 17.95 -4.72
C CYS A 221 -20.28 16.97 -5.85
N LEU A 222 -20.53 15.67 -5.66
CA LEU A 222 -20.26 14.65 -6.67
C LEU A 222 -21.20 14.73 -7.87
N GLU A 223 -22.40 15.29 -7.67
CA GLU A 223 -23.38 15.49 -8.74
C GLU A 223 -22.93 16.69 -9.57
N LYS A 224 -22.44 17.76 -8.89
CA LYS A 224 -21.91 18.95 -9.55
C LYS A 224 -20.64 18.60 -10.35
N ALA A 225 -19.86 17.60 -9.89
CA ALA A 225 -18.65 17.17 -10.60
C ALA A 225 -18.96 16.48 -11.93
N LEU A 226 -20.14 15.83 -12.05
CA LEU A 226 -20.54 15.19 -13.30
C LEU A 226 -20.92 16.24 -14.37
N GLN A 227 -21.50 17.35 -13.92
CA GLN A 227 -21.84 18.45 -14.81
C GLN A 227 -20.59 19.08 -15.38
N VAL A 228 -19.55 19.22 -14.55
CA VAL A 228 -18.23 19.74 -14.94
C VAL A 228 -17.64 18.85 -16.03
N PHE A 229 -17.71 17.53 -15.85
CA PHE A 229 -17.19 16.52 -16.79
C PHE A 229 -17.66 16.74 -18.23
N HIS A 230 -18.88 17.24 -18.44
CA HIS A 230 -19.44 17.44 -19.78
C HIS A 230 -18.54 18.26 -20.74
N GLN A 231 -17.66 19.12 -20.20
CA GLN A 231 -16.73 19.94 -21.00
C GLN A 231 -15.73 19.15 -21.81
N ILE A 232 -15.51 17.87 -21.47
CA ILE A 232 -14.54 17.03 -22.17
C ILE A 232 -14.75 17.01 -23.69
N HIS A 233 -16.01 17.08 -24.15
CA HIS A 233 -16.31 17.03 -25.57
C HIS A 233 -15.83 18.27 -26.33
N ASP A 234 -15.90 19.44 -25.69
CA ASP A 234 -15.53 20.71 -26.31
C ASP A 234 -14.05 21.01 -26.36
N HIS A 235 -13.22 20.25 -25.63
CA HIS A 235 -11.79 20.57 -25.57
C HIS A 235 -10.87 19.40 -25.91
N VAL A 236 -11.41 18.23 -26.29
CA VAL A 236 -10.65 17.04 -26.65
C VAL A 236 -11.31 16.37 -27.87
N ASN A 237 -10.54 15.94 -28.87
CA ASN A 237 -11.10 15.23 -30.03
C ASN A 237 -10.53 13.83 -30.10
N PRO A 238 -11.38 12.81 -30.38
CA PRO A 238 -10.91 11.42 -30.40
C PRO A 238 -9.65 11.12 -31.21
N LYS A 239 -9.50 11.69 -32.41
CA LYS A 239 -8.33 11.45 -33.26
C LYS A 239 -7.02 11.92 -32.63
N ALA A 240 -7.01 13.15 -32.09
CA ALA A 240 -5.82 13.70 -31.45
C ALA A 240 -5.47 12.98 -30.16
N PHE A 241 -6.49 12.58 -29.39
CA PHE A 241 -6.26 11.87 -28.14
C PHE A 241 -5.69 10.48 -28.41
N PHE A 242 -6.30 9.72 -29.32
CA PHE A 242 -5.87 8.36 -29.62
C PHE A 242 -4.56 8.27 -30.39
N SER A 243 -4.38 9.07 -31.44
CA SER A 243 -3.17 8.98 -32.26
C SER A 243 -1.98 9.80 -31.74
N VAL A 244 -2.21 10.79 -30.84
CA VAL A 244 -1.11 11.63 -30.38
C VAL A 244 -0.90 11.58 -28.84
N LEU A 245 -1.76 12.21 -28.02
CA LEU A 245 -1.60 12.30 -26.56
C LEU A 245 -1.31 10.99 -25.85
N ARG A 246 -1.97 9.91 -26.25
CA ARG A 246 -1.84 8.56 -25.70
C ARG A 246 -0.37 8.09 -25.61
N ILE A 247 0.41 8.39 -26.66
CA ILE A 247 1.81 8.02 -26.76
C ILE A 247 2.62 8.52 -25.55
N TYR A 248 2.49 9.80 -25.24
CA TYR A 248 3.26 10.49 -24.22
C TYR A 248 2.79 10.18 -22.78
N LEU A 249 1.58 9.62 -22.64
CA LEU A 249 1.05 9.17 -21.34
C LEU A 249 1.57 7.77 -20.98
N SER A 250 2.08 6.99 -21.98
CA SER A 250 2.55 5.64 -21.78
C SER A 250 3.77 5.53 -20.87
N GLY A 251 3.75 4.51 -20.01
CA GLY A 251 4.85 4.25 -19.09
C GLY A 251 5.68 3.06 -19.51
N TRP A 252 6.49 2.56 -18.59
CA TRP A 252 7.38 1.44 -18.88
C TRP A 252 7.22 0.31 -17.88
N LYS A 253 5.98 -0.06 -17.55
CA LYS A 253 5.71 -1.17 -16.67
C LYS A 253 4.84 -2.12 -17.47
N GLY A 254 5.41 -3.24 -17.91
CA GLY A 254 4.67 -4.20 -18.71
C GLY A 254 4.41 -3.72 -20.12
N ASN A 255 5.30 -2.87 -20.65
CA ASN A 255 5.19 -2.35 -22.00
C ASN A 255 6.15 -3.10 -22.88
N PRO A 256 5.67 -3.70 -23.97
CA PRO A 256 6.58 -4.44 -24.87
C PRO A 256 7.65 -3.58 -25.56
N GLN A 257 7.46 -2.25 -25.59
CA GLN A 257 8.44 -1.34 -26.19
C GLN A 257 9.64 -1.12 -25.26
N LEU A 258 9.47 -1.29 -23.95
CA LEU A 258 10.55 -1.19 -22.94
C LEU A 258 10.28 -2.35 -21.98
N SER A 259 10.42 -3.58 -22.48
CA SER A 259 10.09 -4.80 -21.74
C SER A 259 10.72 -4.89 -20.35
N ASP A 260 11.95 -4.37 -20.17
CA ASP A 260 12.59 -4.42 -18.84
C ASP A 260 12.58 -3.10 -18.05
N GLY A 261 11.99 -2.06 -18.62
CA GLY A 261 11.93 -0.77 -17.98
C GLY A 261 12.84 0.25 -18.64
N LEU A 262 13.13 1.34 -17.95
CA LEU A 262 13.97 2.39 -18.49
C LEU A 262 15.27 2.47 -17.68
N VAL A 263 16.40 2.73 -18.36
CA VAL A 263 17.66 2.87 -17.67
C VAL A 263 17.80 4.31 -17.20
N TYR A 264 17.96 4.50 -15.90
CA TYR A 264 18.15 5.85 -15.35
C TYR A 264 19.66 6.01 -15.14
N GLU A 265 20.38 6.29 -16.25
CA GLU A 265 21.83 6.43 -16.30
C GLU A 265 22.45 7.24 -15.17
N GLY A 266 23.41 6.63 -14.49
CA GLY A 266 24.11 7.28 -13.38
C GLY A 266 23.36 7.31 -12.07
N PHE A 267 22.24 6.59 -11.98
CA PHE A 267 21.44 6.54 -10.76
C PHE A 267 21.17 5.09 -10.40
N TRP A 268 20.76 4.28 -11.37
CA TRP A 268 20.51 2.87 -11.16
C TRP A 268 21.30 2.00 -12.13
N GLU A 269 21.58 0.77 -11.70
CA GLU A 269 22.34 -0.20 -12.48
C GLU A 269 21.42 -0.90 -13.49
N ASP A 270 20.30 -1.44 -12.99
CA ASP A 270 19.31 -2.16 -13.77
C ASP A 270 18.18 -1.21 -14.24
N PRO A 271 17.48 -1.52 -15.34
CA PRO A 271 16.38 -0.65 -15.78
C PRO A 271 15.15 -0.80 -14.89
N LYS A 272 14.60 0.32 -14.42
CA LYS A 272 13.44 0.28 -13.53
C LYS A 272 12.10 0.49 -14.26
N GLU A 273 11.09 -0.31 -13.91
CA GLU A 273 9.74 -0.25 -14.50
C GLU A 273 8.80 0.61 -13.66
N PHE A 274 8.16 1.60 -14.28
CA PHE A 274 7.19 2.44 -13.61
C PHE A 274 5.98 2.59 -14.49
N ALA A 275 4.80 2.61 -13.88
CA ALA A 275 3.53 2.76 -14.58
C ALA A 275 3.36 4.21 -15.06
N GLY A 276 2.72 4.37 -16.22
CA GLY A 276 2.47 5.69 -16.76
C GLY A 276 1.43 6.46 -15.99
N GLY A 277 1.33 7.77 -16.25
CA GLY A 277 0.37 8.66 -15.61
C GLY A 277 -1.05 8.15 -15.71
N SER A 278 -1.72 8.06 -14.57
CA SER A 278 -3.07 7.52 -14.55
C SER A 278 -4.02 8.29 -13.67
N ALA A 279 -5.28 8.41 -14.10
CA ALA A 279 -6.31 8.99 -13.26
C ALA A 279 -6.63 8.05 -12.04
N GLY A 280 -6.16 6.79 -12.09
CA GLY A 280 -6.21 5.87 -10.96
C GLY A 280 -5.31 6.34 -9.81
N GLN A 281 -4.46 7.37 -10.06
CA GLN A 281 -3.59 8.04 -9.09
C GLN A 281 -4.29 9.26 -8.46
N SER A 282 -5.55 9.55 -8.84
CA SER A 282 -6.32 10.66 -8.28
C SER A 282 -6.71 10.30 -6.85
N SER A 283 -6.38 11.17 -5.90
CA SER A 283 -6.71 10.92 -4.49
C SER A 283 -8.18 11.20 -4.19
N VAL A 284 -8.83 12.10 -4.94
CA VAL A 284 -10.19 12.49 -4.64
C VAL A 284 -11.17 11.35 -4.89
N PHE A 285 -11.00 10.61 -5.99
CA PHE A 285 -11.87 9.48 -6.28
C PHE A 285 -11.60 8.31 -5.35
N GLN A 286 -10.33 8.10 -5.02
CA GLN A 286 -10.00 7.01 -4.10
C GLN A 286 -10.51 7.31 -2.70
N CYS A 287 -10.47 8.58 -2.28
CA CYS A 287 -10.91 8.94 -0.94
C CYS A 287 -12.42 8.82 -0.76
N PHE A 288 -13.22 9.02 -1.82
CA PHE A 288 -14.67 8.86 -1.69
C PHE A 288 -15.06 7.39 -1.71
N ASP A 289 -14.29 6.54 -2.40
CA ASP A 289 -14.51 5.09 -2.34
C ASP A 289 -14.16 4.58 -0.94
N VAL A 290 -13.08 5.11 -0.33
CA VAL A 290 -12.70 4.71 1.02
C VAL A 290 -13.78 5.19 2.01
N LEU A 291 -14.18 6.46 1.91
CA LEU A 291 -15.20 7.06 2.76
C LEU A 291 -16.51 6.29 2.71
N LEU A 292 -16.96 5.92 1.51
CA LEU A 292 -18.23 5.22 1.38
C LEU A 292 -18.15 3.69 1.53
N GLY A 293 -16.98 3.16 1.89
CA GLY A 293 -16.80 1.73 2.07
C GLY A 293 -16.87 0.90 0.80
N ILE A 294 -16.65 1.52 -0.35
CA ILE A 294 -16.63 0.82 -1.63
C ILE A 294 -15.23 0.21 -1.69
N GLN A 295 -15.12 -1.08 -1.43
CA GLN A 295 -13.81 -1.73 -1.35
C GLN A 295 -13.15 -1.95 -2.70
N GLN A 296 -12.74 -0.84 -3.33
CA GLN A 296 -12.11 -0.83 -4.65
C GLN A 296 -10.78 -1.52 -4.62
N THR A 297 -10.03 -1.37 -3.52
CA THR A 297 -8.72 -1.97 -3.36
C THR A 297 -8.75 -3.40 -2.74
N ALA A 298 -9.95 -3.93 -2.41
CA ALA A 298 -10.09 -5.26 -1.85
C ALA A 298 -10.54 -6.30 -2.89
N GLY A 300 -8.34 -8.82 -4.28
CA GLY A 300 -7.35 -9.66 -4.94
C GLY A 300 -7.25 -9.52 -6.45
N GLY A 301 -8.28 -8.93 -7.05
CA GLY A 301 -8.36 -8.74 -8.50
C GLY A 301 -7.41 -7.71 -9.08
N HIS A 302 -7.25 -7.71 -10.42
CA HIS A 302 -6.37 -6.77 -11.10
C HIS A 302 -6.72 -5.30 -10.86
N ALA A 303 -8.02 -4.95 -10.90
CA ALA A 303 -8.51 -3.60 -10.69
C ALA A 303 -8.15 -3.09 -9.29
N ALA A 304 -8.30 -3.96 -8.29
CA ALA A 304 -7.98 -3.66 -6.90
C ALA A 304 -6.49 -3.46 -6.71
N GLN A 305 -5.69 -4.30 -7.36
CA GLN A 305 -4.25 -4.25 -7.27
C GLN A 305 -3.74 -2.98 -7.93
N PHE A 306 -4.25 -2.64 -9.10
CA PHE A 306 -3.85 -1.44 -9.82
C PHE A 306 -4.10 -0.18 -9.02
N LEU A 307 -5.29 -0.03 -8.43
CA LEU A 307 -5.62 1.14 -7.65
C LEU A 307 -4.82 1.24 -6.38
N GLN A 308 -4.45 0.10 -5.77
CA GLN A 308 -3.61 0.13 -4.57
C GLN A 308 -2.19 0.53 -4.97
N ASP A 309 -1.68 -0.02 -6.08
CA ASP A 309 -0.34 0.35 -6.58
C ASP A 309 -0.26 1.81 -6.91
N MET A 310 -1.33 2.38 -7.48
CA MET A 310 -1.35 3.80 -7.86
C MET A 310 -1.26 4.76 -6.69
N ARG A 311 -1.49 4.30 -5.46
CA ARG A 311 -1.29 5.12 -4.27
C ARG A 311 0.18 5.46 -4.08
N ARG A 312 1.11 4.58 -4.52
CA ARG A 312 2.55 4.86 -4.41
C ARG A 312 3.01 5.99 -5.36
N TYR A 313 2.18 6.33 -6.35
CA TYR A 313 2.39 7.38 -7.33
C TYR A 313 1.70 8.71 -6.95
N MET A 314 1.09 8.79 -5.74
CA MET A 314 0.45 10.01 -5.24
C MET A 314 1.43 10.75 -4.33
N PRO A 315 1.28 12.09 -4.12
CA PRO A 315 2.14 12.77 -3.13
C PRO A 315 2.05 12.08 -1.76
N PRO A 316 3.16 11.99 -1.02
CA PRO A 316 3.15 11.24 0.24
C PRO A 316 2.08 11.68 1.24
N ALA A 317 1.82 12.98 1.37
CA ALA A 317 0.79 13.50 2.28
C ALA A 317 -0.62 12.99 1.86
N HIS A 318 -0.87 12.90 0.56
CA HIS A 318 -2.15 12.42 0.04
C HIS A 318 -2.32 10.92 0.18
N ARG A 319 -1.24 10.18 0.10
CA ARG A 319 -1.24 8.74 0.33
C ARG A 319 -1.56 8.50 1.83
N ASN A 320 -0.94 9.31 2.74
CA ASN A 320 -1.17 9.26 4.18
C ASN A 320 -2.63 9.60 4.50
N PHE A 321 -3.22 10.55 3.76
CA PHE A 321 -4.62 10.92 3.95
C PHE A 321 -5.54 9.73 3.70
N LEU A 322 -5.31 8.99 2.59
CA LEU A 322 -6.14 7.84 2.28
C LEU A 322 -6.07 6.74 3.34
N CYS A 323 -4.88 6.49 3.87
CA CYS A 323 -4.73 5.44 4.87
C CYS A 323 -5.38 5.87 6.21
N SER A 324 -5.32 7.19 6.53
CA SER A 324 -5.99 7.73 7.71
C SER A 324 -7.49 7.56 7.59
N LEU A 325 -8.05 7.70 6.38
CA LEU A 325 -9.48 7.48 6.18
C LEU A 325 -9.82 6.00 6.44
N GLU A 326 -8.97 5.08 5.97
CA GLU A 326 -9.15 3.64 6.20
C GLU A 326 -9.06 3.27 7.69
N SER A 327 -8.28 4.02 8.46
CA SER A 327 -8.12 3.82 9.90
C SER A 327 -9.37 4.24 10.71
N ASN A 328 -10.18 5.13 10.16
CA ASN A 328 -11.39 5.64 10.79
C ASN A 328 -12.55 4.67 10.62
N PRO A 329 -13.58 4.75 11.50
CA PRO A 329 -14.71 3.83 11.40
C PRO A 329 -15.44 3.89 10.07
N SER A 330 -16.09 2.77 9.74
CA SER A 330 -16.84 2.60 8.50
C SER A 330 -18.17 3.34 8.53
N VAL A 331 -18.31 4.30 7.61
CA VAL A 331 -19.53 5.04 7.38
C VAL A 331 -20.60 4.06 6.85
N ARG A 332 -20.22 3.14 5.94
CA ARG A 332 -21.15 2.17 5.40
C ARG A 332 -21.71 1.25 6.49
N GLU A 333 -20.83 0.74 7.37
CA GLU A 333 -21.27 -0.15 8.46
C GLU A 333 -22.21 0.58 9.41
N PHE A 334 -21.91 1.86 9.69
CA PHE A 334 -22.75 2.69 10.55
C PHE A 334 -24.13 2.88 9.95
N VAL A 335 -24.21 3.18 8.66
CA VAL A 335 -25.48 3.41 7.99
C VAL A 335 -26.30 2.13 7.93
N LEU A 336 -25.64 1.00 7.63
CA LEU A 336 -26.29 -0.30 7.57
C LEU A 336 -26.89 -0.66 8.93
N SER A 337 -26.14 -0.39 10.00
CA SER A 337 -26.55 -0.73 11.36
C SER A 337 -27.67 0.13 11.94
N LYS A 338 -28.23 1.11 11.21
CA LYS A 338 -29.18 2.02 11.83
C LYS A 338 -30.65 1.77 11.53
N GLY A 339 -31.00 1.05 10.45
CA GLY A 339 -32.42 0.81 10.14
C GLY A 339 -33.19 2.10 9.94
N ASP A 340 -32.54 3.04 9.25
CA ASP A 340 -32.98 4.40 9.02
C ASP A 340 -33.01 4.60 7.52
N ALA A 341 -34.19 4.63 6.91
CA ALA A 341 -34.31 4.78 5.46
C ALA A 341 -33.74 6.09 4.95
N GLY A 342 -33.93 7.17 5.69
CA GLY A 342 -33.44 8.48 5.30
C GLY A 342 -31.92 8.56 5.21
N LEU A 343 -31.25 7.98 6.20
CA LEU A 343 -29.80 7.90 6.29
C LEU A 343 -29.26 7.00 5.17
N ARG A 344 -29.98 5.91 4.86
CA ARG A 344 -29.61 5.01 3.78
C ARG A 344 -29.77 5.68 2.44
N GLU A 345 -30.80 6.54 2.28
CA GLU A 345 -31.07 7.27 1.06
C GLU A 345 -29.99 8.30 0.80
N ALA A 346 -29.49 8.97 1.86
CA ALA A 346 -28.42 9.98 1.76
C ALA A 346 -27.10 9.29 1.42
N TYR A 347 -26.84 8.11 2.01
CA TYR A 347 -25.63 7.35 1.73
C TYR A 347 -25.64 6.89 0.28
N ASP A 348 -26.80 6.41 -0.20
CA ASP A 348 -26.99 5.94 -1.56
C ASP A 348 -26.89 7.07 -2.59
N ALA A 349 -27.17 8.31 -2.18
CA ALA A 349 -27.07 9.44 -3.08
C ALA A 349 -25.58 9.67 -3.45
N CYS A 350 -24.66 9.43 -2.49
CA CYS A 350 -23.20 9.54 -2.68
C CYS A 350 -22.73 8.44 -3.62
N VAL A 351 -23.16 7.19 -3.36
CA VAL A 351 -22.80 6.05 -4.16
C VAL A 351 -23.33 6.19 -5.58
N LYS A 352 -24.60 6.60 -5.75
CA LYS A 352 -25.23 6.84 -7.07
C LYS A 352 -24.49 7.91 -7.84
N ALA A 353 -24.02 8.98 -7.18
CA ALA A 353 -23.29 10.03 -7.87
C ALA A 353 -21.94 9.52 -8.41
N LEU A 354 -21.37 8.50 -7.76
CA LEU A 354 -20.13 7.89 -8.22
C LEU A 354 -20.41 6.95 -9.37
N VAL A 355 -21.52 6.20 -9.31
CA VAL A 355 -21.93 5.32 -10.41
C VAL A 355 -22.24 6.16 -11.66
N SER A 356 -22.88 7.32 -11.48
CA SER A 356 -23.19 8.21 -12.57
C SER A 356 -21.93 8.73 -13.25
N LEU A 357 -20.93 9.13 -12.45
CA LEU A 357 -19.67 9.65 -12.96
C LEU A 357 -18.95 8.56 -13.76
N ARG A 358 -18.88 7.35 -13.19
CA ARG A 358 -18.18 6.23 -13.80
C ARG A 358 -18.86 5.69 -15.04
N SER A 359 -20.19 5.82 -15.12
CA SER A 359 -20.97 5.41 -16.28
C SER A 359 -20.82 6.42 -17.42
N TYR A 360 -20.78 7.72 -17.08
CA TYR A 360 -20.56 8.75 -18.08
C TYR A 360 -19.12 8.62 -18.63
N HIS A 361 -18.16 8.35 -17.73
CA HIS A 361 -16.76 8.16 -18.07
C HIS A 361 -16.58 7.00 -19.04
N LEU A 362 -17.33 5.89 -18.87
CA LEU A 362 -17.26 4.73 -19.78
C LEU A 362 -17.72 5.09 -21.20
N GLN A 363 -18.71 6.00 -21.30
CA GLN A 363 -19.20 6.47 -22.58
C GLN A 363 -18.14 7.36 -23.24
N ILE A 364 -17.42 8.17 -22.44
CA ILE A 364 -16.34 9.02 -22.92
C ILE A 364 -15.19 8.13 -23.44
N VAL A 365 -14.82 7.09 -22.68
CA VAL A 365 -13.76 6.17 -23.07
C VAL A 365 -14.13 5.37 -24.34
N THR A 366 -15.44 5.16 -24.58
CA THR A 366 -15.90 4.49 -25.80
C THR A 366 -15.68 5.42 -27.03
N LYS A 367 -16.01 6.70 -26.88
CA LYS A 367 -15.88 7.72 -27.90
C LYS A 367 -14.41 8.04 -28.21
N TYR A 368 -13.57 8.13 -27.17
CA TYR A 368 -12.19 8.56 -27.32
C TYR A 368 -11.17 7.45 -27.46
N ILE A 369 -11.48 6.22 -27.05
CA ILE A 369 -10.51 5.13 -27.12
C ILE A 369 -11.03 3.92 -27.90
N LEU A 370 -12.17 3.39 -27.51
CA LEU A 370 -12.75 2.21 -28.13
C LEU A 370 -13.03 2.35 -29.62
N ILE A 371 -13.76 3.41 -30.02
CA ILE A 371 -14.11 3.65 -31.41
C ILE A 371 -12.88 4.00 -32.25
N PRO A 372 -12.00 4.95 -31.85
CA PRO A 372 -10.79 5.22 -32.65
C PRO A 372 -9.91 3.98 -32.86
N ALA A 373 -9.90 3.04 -31.90
CA ALA A 373 -9.11 1.81 -32.01
C ALA A 373 -9.65 0.87 -33.10
N SER A 374 -10.98 0.88 -33.31
CA SER A 374 -11.66 0.08 -34.31
C SER A 374 -11.54 0.66 -35.73
N GLN A 375 -11.21 1.97 -35.86
CA GLN A 375 -11.05 2.64 -37.14
C GLN A 375 -9.56 2.69 -37.48
N GLN A 376 -8.97 1.51 -37.63
CA GLN A 376 -7.56 1.32 -37.92
C GLN A 376 -7.33 -0.08 -38.49
N PRO A 377 -6.47 -0.21 -39.51
CA PRO A 377 -6.21 -1.55 -40.07
C PRO A 377 -5.26 -2.40 -39.22
N THR A 397 -11.39 -4.59 -24.77
CA THR A 397 -10.10 -4.15 -24.23
C THR A 397 -10.00 -4.34 -22.71
N ASP A 398 -8.76 -4.39 -22.20
CA ASP A 398 -8.46 -4.55 -20.78
C ASP A 398 -8.89 -3.32 -20.01
N LEU A 399 -8.70 -2.11 -20.58
CA LEU A 399 -9.12 -0.90 -19.88
C LEU A 399 -10.64 -0.80 -19.76
N MET A 400 -11.39 -1.39 -20.70
CA MET A 400 -12.83 -1.42 -20.62
C MET A 400 -13.27 -2.26 -19.44
N ASN A 401 -12.63 -3.43 -19.26
CA ASN A 401 -12.93 -4.34 -18.16
C ASN A 401 -12.55 -3.71 -16.83
N PHE A 402 -11.42 -2.99 -16.78
CA PHE A 402 -10.95 -2.33 -15.55
C PHE A 402 -11.98 -1.31 -15.10
N LEU A 403 -12.42 -0.44 -16.01
CA LEU A 403 -13.38 0.60 -15.69
C LEU A 403 -14.73 0.01 -15.32
N LYS A 404 -15.16 -1.05 -16.02
CA LYS A 404 -16.42 -1.72 -15.76
C LYS A 404 -16.40 -2.42 -14.41
N THR A 405 -15.26 -2.97 -14.00
CA THR A 405 -15.11 -3.62 -12.70
C THR A 405 -15.17 -2.58 -11.58
N VAL A 406 -14.55 -1.41 -11.80
CA VAL A 406 -14.57 -0.32 -10.82
C VAL A 406 -15.97 0.23 -10.67
N ARG A 407 -16.67 0.39 -11.80
CA ARG A 407 -18.05 0.87 -11.78
C ARG A 407 -18.99 -0.14 -11.13
N SER A 408 -18.84 -1.43 -11.46
CA SER A 408 -19.64 -2.51 -10.91
C SER A 408 -19.49 -2.58 -9.38
N THR A 409 -18.25 -2.43 -8.87
CA THR A 409 -17.97 -2.44 -7.44
C THR A 409 -18.69 -1.28 -6.75
N THR A 410 -18.79 -0.12 -7.43
CA THR A 410 -19.50 1.03 -6.88
C THR A 410 -20.99 0.77 -6.86
N GLU A 411 -21.53 0.20 -7.94
CA GLU A 411 -22.94 -0.09 -8.04
C GLU A 411 -23.39 -1.10 -7.00
N LYS A 412 -22.60 -2.15 -6.81
CA LYS A 412 -22.92 -3.19 -5.85
C LYS A 412 -22.86 -2.73 -4.37
N SER A 413 -22.32 -1.53 -4.10
CA SER A 413 -22.27 -0.93 -2.77
C SER A 413 -23.61 -0.25 -2.39
N LEU A 414 -24.55 -0.11 -3.33
CA LEU A 414 -25.85 0.49 -3.04
C LEU A 414 -26.61 -0.37 -2.04
N LEU A 415 -27.19 0.27 -1.02
CA LEU A 415 -27.94 -0.45 0.00
C LEU A 415 -29.32 -0.84 -0.55
N LYS A 416 -29.97 0.08 -1.27
CA LYS A 416 -31.22 -0.18 -1.94
C LYS A 416 -30.95 0.20 -3.40
N GLU A 417 -31.18 -0.75 -4.34
CA GLU A 417 -30.94 -0.60 -5.79
C GLU A 417 -31.32 0.78 -6.38
N THR B 25 1.64 8.06 25.38
CA THR B 25 1.66 6.65 25.00
C THR B 25 0.69 6.30 23.88
N ILE B 26 1.09 5.31 23.07
CA ILE B 26 0.36 4.69 21.95
C ILE B 26 -1.05 4.24 22.39
N SER B 27 -2.07 4.72 21.68
CA SER B 27 -3.47 4.47 21.98
C SER B 27 -3.82 3.00 21.95
N LYS B 28 -4.76 2.61 22.83
CA LYS B 28 -5.26 1.25 22.96
C LYS B 28 -5.86 0.73 21.64
N GLU B 29 -6.43 1.65 20.83
CA GLU B 29 -7.02 1.35 19.54
C GLU B 29 -6.02 0.69 18.55
N TYR B 30 -4.71 0.80 18.81
CA TYR B 30 -3.70 0.19 17.95
C TYR B 30 -3.39 -1.27 18.29
N HIS B 31 -3.89 -1.78 19.43
CA HIS B 31 -3.73 -3.16 19.87
C HIS B 31 -2.26 -3.60 19.98
N ILE B 32 -1.44 -2.73 20.57
CA ILE B 32 -0.04 -3.03 20.86
C ILE B 32 0.06 -3.21 22.37
N ASP B 33 0.63 -4.34 22.79
CA ASP B 33 0.77 -4.67 24.19
C ASP B 33 2.07 -4.11 24.76
N GLU B 34 2.04 -3.70 26.04
CA GLU B 34 3.24 -3.16 26.69
C GLU B 34 4.34 -4.22 26.79
N GLU B 35 3.96 -5.49 26.99
CA GLU B 35 4.89 -6.60 27.13
C GLU B 35 5.21 -7.35 25.84
N VAL B 36 4.19 -7.83 25.11
CA VAL B 36 4.42 -8.63 23.90
C VAL B 36 4.31 -7.84 22.57
N GLY B 37 3.98 -6.55 22.63
CA GLY B 37 3.89 -5.68 21.45
C GLY B 37 2.83 -6.05 20.45
N PHE B 38 3.24 -6.41 19.23
CA PHE B 38 2.30 -6.81 18.18
C PHE B 38 1.74 -8.23 18.40
N ALA B 39 2.40 -9.07 19.22
CA ALA B 39 1.89 -10.41 19.54
C ALA B 39 0.60 -10.30 20.33
N LEU B 40 -0.28 -11.29 20.18
CA LEU B 40 -1.55 -11.28 20.90
C LEU B 40 -1.24 -11.67 22.34
N PRO B 41 -1.54 -10.80 23.32
CA PRO B 41 -1.24 -11.15 24.72
C PRO B 41 -2.14 -12.28 25.20
N ASN B 42 -1.57 -13.26 25.93
CA ASN B 42 -2.28 -14.43 26.49
C ASN B 42 -3.34 -15.00 25.55
N PRO B 43 -2.91 -15.66 24.46
CA PRO B 43 -3.90 -16.19 23.51
C PRO B 43 -4.77 -17.30 24.12
N GLN B 44 -5.99 -17.43 23.61
CA GLN B 44 -6.95 -18.43 24.08
C GLN B 44 -6.51 -19.81 23.61
N GLU B 45 -6.55 -20.81 24.49
CA GLU B 45 -6.12 -22.16 24.13
C GLU B 45 -7.27 -23.01 23.62
N ASN B 46 -8.49 -22.82 24.16
CA ASN B 46 -9.64 -23.64 23.77
C ASN B 46 -10.86 -22.80 23.36
N LEU B 47 -11.59 -23.27 22.35
CA LEU B 47 -12.82 -22.64 21.84
C LEU B 47 -14.05 -23.15 22.62
N PRO B 48 -15.19 -22.43 22.58
CA PRO B 48 -16.41 -22.96 23.23
C PRO B 48 -16.82 -24.32 22.68
N ASP B 49 -17.48 -25.16 23.51
CA ASP B 49 -17.90 -26.53 23.14
C ASP B 49 -18.60 -26.65 21.78
N PHE B 50 -19.26 -25.58 21.34
CA PHE B 50 -19.94 -25.54 20.05
C PHE B 50 -19.00 -25.84 18.86
N TYR B 51 -17.67 -25.59 19.04
CA TYR B 51 -16.65 -25.78 18.00
C TYR B 51 -15.66 -26.91 18.29
N ASN B 52 -16.06 -27.89 19.11
CA ASN B 52 -15.19 -29.03 19.43
C ASN B 52 -14.83 -29.88 18.21
N ASP B 53 -15.69 -29.86 17.17
CA ASP B 53 -15.43 -30.60 15.92
C ASP B 53 -14.26 -29.98 15.14
N TRP B 54 -14.11 -28.64 15.21
CA TRP B 54 -13.00 -27.95 14.58
C TRP B 54 -11.74 -28.22 15.42
N MET B 55 -11.85 -28.05 16.73
CA MET B 55 -10.77 -28.23 17.67
C MET B 55 -10.16 -29.60 17.64
N PHE B 56 -10.98 -30.64 17.38
CA PHE B 56 -10.46 -32.00 17.34
C PHE B 56 -9.51 -32.14 16.13
N ILE B 57 -9.95 -31.69 14.96
CA ILE B 57 -9.18 -31.75 13.72
C ILE B 57 -7.88 -30.97 13.83
N ALA B 58 -7.95 -29.73 14.31
CA ALA B 58 -6.80 -28.83 14.46
C ALA B 58 -5.78 -29.36 15.46
N LYS B 59 -6.24 -29.88 16.60
CA LYS B 59 -5.32 -30.44 17.59
C LYS B 59 -4.73 -31.81 17.17
N HIS B 60 -5.24 -32.42 16.08
CA HIS B 60 -4.74 -33.71 15.61
C HIS B 60 -4.28 -33.70 14.15
N LEU B 61 -3.71 -32.58 13.68
CA LEU B 61 -3.19 -32.49 12.32
C LEU B 61 -2.07 -33.50 12.02
N PRO B 62 -1.04 -33.69 12.91
CA PRO B 62 0.02 -34.65 12.57
C PRO B 62 -0.51 -36.07 12.31
N ASP B 63 -1.43 -36.56 13.17
CA ASP B 63 -1.98 -37.91 13.01
C ASP B 63 -3.01 -38.00 11.88
N LEU B 64 -3.92 -37.01 11.76
CA LEU B 64 -4.93 -37.02 10.71
C LEU B 64 -4.36 -36.82 9.31
N ILE B 65 -3.25 -36.07 9.18
CA ILE B 65 -2.63 -35.87 7.86
C ILE B 65 -1.95 -37.17 7.47
N GLU B 66 -1.11 -37.71 8.38
CA GLU B 66 -0.34 -38.94 8.18
C GLU B 66 -1.22 -40.14 7.82
N SER B 67 -2.34 -40.28 8.52
CA SER B 67 -3.26 -41.39 8.27
C SER B 67 -4.07 -41.22 6.99
N GLY B 68 -4.21 -40.01 6.48
CA GLY B 68 -5.03 -39.74 5.31
C GLY B 68 -6.49 -39.48 5.64
N GLN B 69 -6.83 -39.52 6.95
CA GLN B 69 -8.18 -39.29 7.42
C GLN B 69 -8.56 -37.81 7.53
N LEU B 70 -7.60 -36.88 7.40
CA LEU B 70 -7.85 -35.45 7.54
C LEU B 70 -8.87 -34.90 6.53
N ARG B 71 -8.65 -35.07 5.21
CA ARG B 71 -9.56 -34.52 4.21
C ARG B 71 -10.99 -35.03 4.39
N GLU B 72 -11.14 -36.30 4.78
CA GLU B 72 -12.42 -36.92 5.06
C GLU B 72 -13.09 -36.25 6.27
N ARG B 73 -12.36 -36.07 7.40
CA ARG B 73 -12.89 -35.42 8.61
C ARG B 73 -13.36 -33.99 8.34
N VAL B 74 -12.68 -33.28 7.42
CA VAL B 74 -13.06 -31.92 7.04
C VAL B 74 -14.36 -31.99 6.25
N GLU B 75 -14.41 -32.89 5.24
CA GLU B 75 -15.59 -33.10 4.40
C GLU B 75 -16.83 -33.58 5.19
N LYS B 76 -16.62 -34.25 6.32
CA LYS B 76 -17.68 -34.75 7.17
C LYS B 76 -18.25 -33.69 8.15
N LEU B 77 -17.63 -32.49 8.22
CA LEU B 77 -18.07 -31.43 9.13
C LEU B 77 -19.40 -30.81 8.74
N ASN B 78 -20.13 -30.32 9.73
CA ASN B 78 -21.36 -29.59 9.49
C ASN B 78 -21.01 -28.10 9.56
N MET B 79 -21.51 -27.29 8.63
CA MET B 79 -21.20 -25.87 8.60
C MET B 79 -21.69 -25.15 9.85
N LEU B 80 -20.75 -24.69 10.70
CA LEU B 80 -21.08 -23.99 11.95
C LEU B 80 -21.14 -22.47 11.76
N SER B 81 -21.92 -21.78 12.60
CA SER B 81 -22.02 -20.33 12.52
C SER B 81 -20.90 -19.69 13.33
N ILE B 82 -20.34 -18.57 12.85
CA ILE B 82 -19.30 -17.86 13.62
C ILE B 82 -19.90 -17.04 14.80
N ASP B 83 -21.26 -17.02 14.93
CA ASP B 83 -22.00 -16.30 15.95
C ASP B 83 -21.65 -16.68 17.40
N HIS B 84 -21.04 -17.87 17.63
CA HIS B 84 -20.67 -18.27 18.99
C HIS B 84 -19.23 -17.89 19.39
N LEU B 85 -18.57 -17.05 18.60
CA LEU B 85 -17.25 -16.53 18.89
C LEU B 85 -17.51 -15.09 19.32
N THR B 86 -17.72 -14.85 20.62
CA THR B 86 -18.09 -13.55 21.17
C THR B 86 -16.89 -12.57 21.32
N ASP B 87 -15.83 -12.99 22.03
CA ASP B 87 -14.68 -12.11 22.23
C ASP B 87 -13.67 -12.17 21.09
N HIS B 88 -12.78 -11.16 21.01
CA HIS B 88 -11.74 -11.08 19.98
C HIS B 88 -10.75 -12.25 20.08
N LYS B 89 -10.39 -12.69 21.30
CA LYS B 89 -9.45 -13.80 21.48
C LYS B 89 -9.98 -15.13 20.96
N SER B 90 -11.30 -15.35 21.03
CA SER B 90 -11.92 -16.56 20.50
C SER B 90 -11.95 -16.50 18.98
N GLN B 91 -12.21 -15.31 18.41
CA GLN B 91 -12.22 -15.09 16.97
C GLN B 91 -10.81 -15.31 16.38
N ARG B 92 -9.76 -14.92 17.13
CA ARG B 92 -8.37 -15.07 16.72
C ARG B 92 -7.92 -16.53 16.79
N LEU B 93 -8.41 -17.26 17.82
CA LEU B 93 -8.12 -18.70 17.98
C LEU B 93 -8.82 -19.46 16.86
N ALA B 94 -10.08 -19.10 16.56
CA ALA B 94 -10.83 -19.76 15.49
C ALA B 94 -10.15 -19.54 14.13
N ARG B 95 -9.49 -18.38 13.93
CA ARG B 95 -8.75 -18.07 12.71
C ARG B 95 -7.53 -18.98 12.57
N LEU B 96 -6.84 -19.22 13.69
CA LEU B 96 -5.67 -20.06 13.75
C LEU B 96 -6.10 -21.53 13.53
N VAL B 97 -7.19 -21.97 14.21
CA VAL B 97 -7.74 -23.31 14.07
C VAL B 97 -8.15 -23.57 12.60
N LEU B 98 -9.05 -22.74 12.04
CA LEU B 98 -9.52 -22.89 10.65
C LEU B 98 -8.41 -22.72 9.62
N GLY B 99 -7.46 -21.84 9.92
CA GLY B 99 -6.35 -21.59 9.03
C GLY B 99 -5.41 -22.77 8.94
N CYS B 100 -5.12 -23.42 10.10
CA CYS B 100 -4.27 -24.61 10.16
C CYS B 100 -4.94 -25.79 9.45
N ILE B 101 -6.27 -25.90 9.58
CA ILE B 101 -7.02 -26.97 8.93
C ILE B 101 -7.03 -26.73 7.43
N THR B 102 -7.21 -25.47 6.99
CA THR B 102 -7.22 -25.15 5.56
C THR B 102 -5.88 -25.46 4.89
N MET B 103 -4.75 -25.13 5.54
CA MET B 103 -3.44 -25.42 4.99
C MET B 103 -3.23 -26.93 4.88
N ALA B 104 -3.64 -27.68 5.92
CA ALA B 104 -3.52 -29.12 5.94
C ALA B 104 -4.43 -29.78 4.89
N TYR B 105 -5.62 -29.23 4.65
CA TYR B 105 -6.55 -29.77 3.67
C TYR B 105 -6.02 -29.57 2.26
N VAL B 106 -5.55 -28.34 1.95
CA VAL B 106 -5.06 -28.03 0.62
C VAL B 106 -3.80 -28.83 0.26
N TRP B 107 -2.86 -28.98 1.21
CA TRP B 107 -1.60 -29.64 0.91
C TRP B 107 -1.56 -31.12 1.23
N GLY B 108 -2.39 -31.58 2.15
CA GLY B 108 -2.43 -32.98 2.57
C GLY B 108 -1.10 -33.43 3.13
N LYS B 109 -0.56 -34.53 2.60
CA LYS B 109 0.77 -35.01 3.02
C LYS B 109 1.93 -34.16 2.44
N GLY B 110 1.62 -33.25 1.52
CA GLY B 110 2.57 -32.32 0.92
C GLY B 110 3.51 -32.93 -0.10
N HIS B 111 3.14 -34.10 -0.63
CA HIS B 111 3.99 -34.79 -1.59
C HIS B 111 3.33 -34.82 -2.97
N GLY B 112 2.71 -33.71 -3.36
CA GLY B 112 2.07 -33.64 -4.67
C GLY B 112 0.57 -33.41 -4.75
N ASP B 113 -0.25 -34.35 -4.22
CA ASP B 113 -1.71 -34.26 -4.30
C ASP B 113 -2.31 -33.05 -3.58
N VAL B 114 -2.70 -32.03 -4.37
CA VAL B 114 -3.27 -30.81 -3.85
C VAL B 114 -4.80 -30.81 -4.01
N ARG B 115 -5.52 -30.20 -3.06
CA ARG B 115 -6.97 -30.06 -3.14
C ARG B 115 -7.21 -28.64 -3.65
N LYS B 116 -7.88 -28.49 -4.80
CA LYS B 116 -8.14 -27.16 -5.37
C LYS B 116 -9.46 -26.52 -4.90
N VAL B 117 -10.28 -27.24 -4.11
CA VAL B 117 -11.55 -26.70 -3.62
C VAL B 117 -11.68 -26.87 -2.11
N LEU B 118 -11.98 -25.79 -1.40
CA LEU B 118 -12.17 -25.85 0.05
C LEU B 118 -13.66 -26.04 0.30
N PRO B 119 -14.06 -27.15 0.96
CA PRO B 119 -15.49 -27.42 1.19
C PRO B 119 -16.24 -26.29 1.90
N ARG B 120 -17.51 -26.06 1.55
CA ARG B 120 -18.29 -24.95 2.11
C ARG B 120 -18.49 -25.02 3.62
N ASN B 121 -18.59 -26.24 4.19
CA ASN B 121 -18.78 -26.39 5.63
C ASN B 121 -17.62 -25.80 6.47
N ILE B 122 -16.45 -25.55 5.82
CA ILE B 122 -15.31 -24.90 6.48
C ILE B 122 -15.00 -23.54 5.83
N ALA B 123 -15.06 -23.45 4.48
CA ALA B 123 -14.78 -22.22 3.74
C ALA B 123 -15.75 -21.08 4.02
N VAL B 124 -17.04 -21.39 4.21
CA VAL B 124 -18.03 -20.34 4.50
C VAL B 124 -17.73 -19.66 5.84
N PRO B 125 -17.67 -20.40 6.98
CA PRO B 125 -17.36 -19.72 8.26
C PRO B 125 -15.93 -19.16 8.33
N TYR B 126 -14.98 -19.72 7.55
CA TYR B 126 -13.62 -19.18 7.55
C TYR B 126 -13.63 -17.81 6.90
N CYS B 127 -14.28 -17.67 5.73
CA CYS B 127 -14.36 -16.39 5.04
C CYS B 127 -15.23 -15.38 5.79
N GLN B 128 -16.21 -15.85 6.54
CA GLN B 128 -17.09 -14.99 7.33
C GLN B 128 -16.30 -14.37 8.48
N LEU B 129 -15.56 -15.21 9.24
CA LEU B 129 -14.71 -14.80 10.37
C LEU B 129 -13.54 -13.92 9.89
N SER B 130 -13.00 -14.25 8.70
CA SER B 130 -11.94 -13.48 8.08
C SER B 130 -12.44 -12.10 7.70
N LYS B 131 -13.68 -12.00 7.19
CA LYS B 131 -14.28 -10.71 6.82
C LYS B 131 -14.52 -9.84 8.06
N LYS B 132 -14.92 -10.47 9.18
CA LYS B 132 -15.17 -9.73 10.42
C LYS B 132 -13.85 -9.13 10.94
N LEU B 133 -12.77 -9.93 10.94
CA LEU B 133 -11.46 -9.51 11.42
C LEU B 133 -10.61 -8.75 10.38
N GLU B 134 -11.14 -8.49 9.20
CA GLU B 134 -10.44 -7.79 8.11
C GLU B 134 -9.12 -8.45 7.69
N LEU B 135 -9.07 -9.78 7.74
CA LEU B 135 -7.90 -10.54 7.33
C LEU B 135 -8.26 -11.51 6.19
N PRO B 136 -7.30 -11.92 5.34
CA PRO B 136 -7.65 -12.85 4.25
C PRO B 136 -7.93 -14.27 4.75
N PRO B 137 -8.71 -15.06 3.99
CA PRO B 137 -8.97 -16.44 4.43
C PRO B 137 -7.80 -17.38 4.09
N ILE B 138 -6.66 -17.10 4.70
CA ILE B 138 -5.43 -17.90 4.62
C ILE B 138 -4.66 -17.69 5.93
N LEU B 139 -3.89 -18.70 6.35
CA LEU B 139 -3.09 -18.62 7.57
C LEU B 139 -2.03 -17.51 7.40
N VAL B 140 -2.03 -16.53 8.33
CA VAL B 140 -1.06 -15.44 8.29
C VAL B 140 -0.09 -15.51 9.50
N TYR B 141 0.98 -14.70 9.48
CA TYR B 141 1.97 -14.56 10.55
C TYR B 141 1.25 -14.26 11.89
N ALA B 142 0.19 -13.43 11.85
CA ALA B 142 -0.56 -13.08 13.04
C ALA B 142 -1.32 -14.26 13.66
N ASP B 143 -1.60 -15.30 12.86
CA ASP B 143 -2.26 -16.49 13.36
C ASP B 143 -1.21 -17.47 13.92
N CYS B 144 -0.31 -18.00 13.07
CA CYS B 144 0.63 -19.02 13.50
C CYS B 144 1.82 -18.51 14.29
N VAL B 145 2.06 -17.20 14.38
CA VAL B 145 3.16 -16.70 15.19
C VAL B 145 2.63 -15.89 16.37
N LEU B 146 1.90 -14.81 16.09
CA LEU B 146 1.41 -13.91 17.14
C LEU B 146 0.31 -14.50 18.04
N ALA B 147 -0.52 -15.42 17.55
CA ALA B 147 -1.58 -16.02 18.37
C ALA B 147 -1.35 -17.51 18.70
N ASN B 148 -0.34 -18.14 18.11
CA ASN B 148 -0.06 -19.56 18.28
C ASN B 148 0.92 -19.85 19.42
N TRP B 149 0.61 -19.38 20.64
CA TRP B 149 1.52 -19.61 21.77
C TRP B 149 0.82 -19.64 23.12
N LYS B 150 1.53 -20.16 24.14
CA LYS B 150 1.04 -20.25 25.51
C LYS B 150 2.22 -20.36 26.49
N LYS B 151 1.99 -19.94 27.74
CA LYS B 151 2.99 -20.09 28.78
C LYS B 151 2.71 -21.45 29.46
N LYS B 152 3.73 -22.29 29.65
CA LYS B 152 3.59 -23.59 30.32
C LYS B 152 3.21 -23.32 31.78
N ASP B 153 3.95 -22.40 32.43
CA ASP B 153 3.70 -21.96 33.80
C ASP B 153 3.45 -20.44 33.73
N PRO B 154 2.23 -20.00 34.07
CA PRO B 154 1.94 -18.56 34.03
C PRO B 154 2.79 -17.70 34.98
N ASN B 155 3.28 -18.32 36.07
CA ASN B 155 4.11 -17.61 37.04
C ASN B 155 5.58 -17.46 36.59
N LYS B 156 6.01 -18.23 35.57
CA LYS B 156 7.39 -18.15 35.06
C LYS B 156 7.47 -17.13 33.90
N PRO B 157 8.66 -16.59 33.56
CA PRO B 157 8.73 -15.56 32.50
C PRO B 157 8.56 -16.03 31.05
N LEU B 158 8.51 -15.06 30.11
CA LEU B 158 8.40 -15.32 28.68
C LEU B 158 9.74 -15.74 28.10
N THR B 159 10.13 -16.98 28.37
CA THR B 159 11.37 -17.57 27.87
C THR B 159 11.01 -18.83 27.07
N TYR B 160 11.91 -19.29 26.17
CA TYR B 160 11.63 -20.46 25.33
C TYR B 160 11.25 -21.69 26.16
N GLU B 161 11.97 -21.92 27.27
CA GLU B 161 11.76 -23.06 28.15
C GLU B 161 10.37 -23.07 28.78
N ASN B 162 9.78 -21.89 29.00
CA ASN B 162 8.44 -21.79 29.59
C ASN B 162 7.33 -21.59 28.56
N MET B 163 7.59 -21.80 27.26
CA MET B 163 6.57 -21.58 26.25
C MET B 163 6.37 -22.75 25.29
N ASP B 164 5.21 -22.79 24.64
CA ASP B 164 4.85 -23.79 23.65
C ASP B 164 3.88 -23.20 22.62
N VAL B 165 3.78 -23.83 21.44
CA VAL B 165 2.80 -23.42 20.43
C VAL B 165 1.48 -24.17 20.65
N LEU B 166 0.36 -23.64 20.14
CA LEU B 166 -0.93 -24.31 20.27
C LEU B 166 -1.10 -25.41 19.21
N PHE B 167 -0.63 -25.16 17.97
CA PHE B 167 -0.78 -26.12 16.89
C PHE B 167 0.47 -26.35 16.06
N SER B 168 0.65 -27.61 15.63
CA SER B 168 1.72 -28.03 14.73
C SER B 168 1.08 -28.72 13.51
N PHE B 169 1.86 -28.92 12.43
CA PHE B 169 1.32 -29.56 11.24
C PHE B 169 1.60 -31.06 11.22
N ARG B 170 2.87 -31.41 11.40
CA ARG B 170 3.36 -32.78 11.41
C ARG B 170 4.32 -32.96 12.58
N ASP B 171 4.53 -34.20 13.04
CA ASP B 171 5.51 -34.43 14.11
C ASP B 171 6.91 -34.24 13.48
N GLY B 172 7.79 -33.56 14.20
CA GLY B 172 9.13 -33.28 13.70
C GLY B 172 9.24 -32.16 12.68
N ASP B 173 8.17 -31.36 12.51
CA ASP B 173 8.19 -30.24 11.57
C ASP B 173 8.97 -29.00 12.07
N CYS B 174 9.41 -29.00 13.35
CA CYS B 174 10.12 -27.90 14.00
C CYS B 174 9.27 -26.62 14.10
N SER B 175 7.92 -26.75 14.02
CA SER B 175 6.98 -25.64 14.09
C SER B 175 7.13 -24.91 15.40
N LYS B 176 7.35 -25.63 16.51
CA LYS B 176 7.53 -24.97 17.79
C LYS B 176 8.74 -24.03 17.77
N GLY B 177 9.86 -24.51 17.27
CA GLY B 177 11.09 -23.73 17.18
C GLY B 177 10.99 -22.56 16.24
N PHE B 178 10.45 -22.78 15.04
CA PHE B 178 10.32 -21.72 14.04
C PHE B 178 9.37 -20.62 14.52
N PHE B 179 8.20 -21.00 15.06
CA PHE B 179 7.22 -20.02 15.50
C PHE B 179 7.62 -19.30 16.78
N LEU B 180 8.13 -20.04 17.79
CA LEU B 180 8.49 -19.40 19.06
C LEU B 180 9.71 -18.53 18.94
N VAL B 181 10.69 -18.89 18.10
CA VAL B 181 11.88 -18.06 17.94
C VAL B 181 11.51 -16.75 17.23
N SER B 182 10.57 -16.81 16.25
CA SER B 182 10.08 -15.61 15.57
C SER B 182 9.37 -14.74 16.60
N LEU B 183 8.51 -15.35 17.42
CA LEU B 183 7.76 -14.68 18.47
C LEU B 183 8.67 -14.04 19.53
N LEU B 184 9.73 -14.72 19.95
CA LEU B 184 10.64 -14.18 20.96
C LEU B 184 11.42 -12.98 20.42
N VAL B 185 11.76 -12.99 19.12
CA VAL B 185 12.42 -11.86 18.46
C VAL B 185 11.41 -10.69 18.33
N GLU B 186 10.13 -10.99 18.05
CA GLU B 186 9.06 -10.01 17.95
C GLU B 186 8.90 -9.27 19.26
N ILE B 187 8.92 -10.01 20.39
CA ILE B 187 8.77 -9.45 21.71
C ILE B 187 10.03 -8.66 22.11
N ALA B 188 11.22 -9.13 21.69
CA ALA B 188 12.47 -8.43 21.98
C ALA B 188 12.50 -7.07 21.29
N ALA B 189 12.04 -7.01 20.03
CA ALA B 189 11.98 -5.78 19.24
C ALA B 189 10.89 -4.84 19.77
N ALA B 190 9.80 -5.39 20.32
CA ALA B 190 8.67 -4.65 20.89
C ALA B 190 9.05 -3.72 22.03
N SER B 191 10.16 -4.00 22.72
CA SER B 191 10.62 -3.13 23.81
C SER B 191 10.95 -1.71 23.29
N ALA B 192 11.26 -1.56 21.99
CA ALA B 192 11.54 -0.26 21.41
C ALA B 192 10.28 0.51 20.97
N ILE B 193 9.12 -0.17 20.85
CA ILE B 193 7.88 0.45 20.43
C ILE B 193 7.46 1.55 21.37
N LYS B 194 7.59 1.34 22.69
CA LYS B 194 7.22 2.36 23.68
C LYS B 194 8.06 3.63 23.56
N VAL B 195 9.22 3.58 22.92
CA VAL B 195 10.10 4.71 22.74
C VAL B 195 9.64 5.62 21.57
N ILE B 196 8.81 5.09 20.65
CA ILE B 196 8.30 5.81 19.49
C ILE B 196 7.59 7.13 19.88
N PRO B 197 6.61 7.13 20.83
CA PRO B 197 6.00 8.43 21.21
C PRO B 197 7.03 9.46 21.69
N THR B 198 8.08 9.02 22.40
CA THR B 198 9.14 9.90 22.90
C THR B 198 9.90 10.54 21.73
N VAL B 199 10.16 9.77 20.68
CA VAL B 199 10.86 10.26 19.49
C VAL B 199 10.08 11.37 18.80
N PHE B 200 8.77 11.17 18.60
CA PHE B 200 7.95 12.16 17.92
C PHE B 200 7.68 13.39 18.75
N LYS B 201 7.52 13.22 20.07
CA LYS B 201 7.31 14.35 20.96
C LYS B 201 8.59 15.15 21.08
N ALA B 202 9.77 14.50 21.10
CA ALA B 202 11.04 15.21 21.17
C ALA B 202 11.30 16.02 19.91
N MET B 203 10.86 15.53 18.74
CA MET B 203 11.04 16.28 17.50
C MET B 203 10.13 17.49 17.50
N GLN B 204 8.87 17.31 17.93
CA GLN B 204 7.87 18.39 18.00
C GLN B 204 8.34 19.48 18.96
N MET B 205 8.72 19.09 20.17
CA MET B 205 9.21 20.02 21.18
C MET B 205 10.62 20.53 20.97
N GLN B 206 11.32 20.01 19.94
CA GLN B 206 12.69 20.36 19.66
C GLN B 206 13.60 20.05 20.84
N GLU B 207 13.43 18.87 21.45
CA GLU B 207 14.22 18.42 22.58
C GLU B 207 15.32 17.52 22.05
N ARG B 208 16.43 18.13 21.63
CA ARG B 208 17.56 17.45 21.04
C ARG B 208 18.14 16.33 21.91
N ASP B 209 18.35 16.59 23.20
CA ASP B 209 18.96 15.60 24.08
C ASP B 209 18.07 14.40 24.31
N THR B 210 16.75 14.65 24.44
CA THR B 210 15.75 13.62 24.63
C THR B 210 15.72 12.71 23.40
N LEU B 211 15.73 13.29 22.19
CA LEU B 211 15.71 12.52 20.96
C LEU B 211 16.97 11.65 20.85
N LEU B 212 18.11 12.14 21.34
CA LEU B 212 19.35 11.37 21.31
C LEU B 212 19.25 10.14 22.22
N LYS B 213 18.77 10.33 23.46
CA LYS B 213 18.61 9.25 24.42
C LYS B 213 17.60 8.22 23.87
N ALA B 214 16.49 8.71 23.27
CA ALA B 214 15.45 7.90 22.67
C ALA B 214 15.97 7.08 21.49
N LEU B 215 16.76 7.68 20.59
CA LEU B 215 17.32 6.93 19.47
C LEU B 215 18.30 5.86 19.97
N LEU B 216 19.09 6.20 21.00
CA LEU B 216 20.05 5.26 21.58
C LEU B 216 19.34 4.10 22.29
N GLU B 217 18.18 4.37 22.90
CA GLU B 217 17.39 3.36 23.57
C GLU B 217 16.78 2.39 22.54
N ILE B 218 16.35 2.89 21.39
CA ILE B 218 15.81 2.04 20.33
C ILE B 218 16.92 1.13 19.80
N ALA B 219 18.12 1.67 19.61
CA ALA B 219 19.26 0.91 19.13
C ALA B 219 19.61 -0.25 20.07
N SER B 220 19.59 -0.01 21.39
CA SER B 220 19.90 -1.04 22.37
C SER B 220 18.85 -2.18 22.37
N CYS B 221 17.59 -1.84 22.10
CA CYS B 221 16.50 -2.81 22.01
C CYS B 221 16.71 -3.69 20.78
N LEU B 222 17.09 -3.09 19.66
CA LEU B 222 17.36 -3.83 18.42
C LEU B 222 18.64 -4.66 18.50
N GLU B 223 19.58 -4.25 19.35
CA GLU B 223 20.82 -4.98 19.59
C GLU B 223 20.48 -6.21 20.47
N LYS B 224 19.62 -6.02 21.49
CA LYS B 224 19.17 -7.10 22.36
C LYS B 224 18.33 -8.14 21.58
N ALA B 225 17.62 -7.71 20.54
CA ALA B 225 16.82 -8.60 19.69
C ALA B 225 17.69 -9.54 18.84
N LEU B 226 18.91 -9.11 18.50
CA LEU B 226 19.83 -9.95 17.72
C LEU B 226 20.38 -11.09 18.59
N GLN B 227 20.58 -10.83 19.89
CA GLN B 227 21.05 -11.85 20.82
C GLN B 227 19.97 -12.95 20.96
N VAL B 228 18.69 -12.54 21.01
CA VAL B 228 17.54 -13.45 21.09
C VAL B 228 17.53 -14.36 19.86
N PHE B 229 17.74 -13.80 18.66
CA PHE B 229 17.77 -14.52 17.39
C PHE B 229 18.68 -15.76 17.40
N HIS B 230 19.80 -15.72 18.12
CA HIS B 230 20.76 -16.83 18.15
C HIS B 230 20.15 -18.22 18.47
N GLN B 231 19.02 -18.26 19.19
CA GLN B 231 18.32 -19.50 19.54
C GLN B 231 17.81 -20.30 18.36
N ILE B 232 17.69 -19.69 17.18
CA ILE B 232 17.17 -20.39 15.99
C ILE B 232 17.91 -21.69 15.68
N HIS B 233 19.23 -21.73 15.92
CA HIS B 233 20.03 -22.91 15.64
C HIS B 233 19.70 -24.10 16.56
N ASP B 234 19.34 -23.82 17.82
CA ASP B 234 19.03 -24.85 18.79
C ASP B 234 17.64 -25.44 18.72
N HIS B 235 16.73 -24.84 17.94
CA HIS B 235 15.34 -25.34 17.92
C HIS B 235 14.77 -25.59 16.52
N VAL B 236 15.59 -25.46 15.49
CA VAL B 236 15.17 -25.72 14.12
C VAL B 236 16.31 -26.45 13.39
N ASN B 237 15.98 -27.46 12.56
CA ASN B 237 17.00 -28.17 11.80
C ASN B 237 16.72 -27.99 10.31
N PRO B 238 17.77 -27.72 9.50
CA PRO B 238 17.55 -27.47 8.06
C PRO B 238 16.69 -28.47 7.30
N LYS B 239 16.89 -29.79 7.54
CA LYS B 239 16.13 -30.84 6.85
C LYS B 239 14.61 -30.79 7.12
N ALA B 240 14.22 -30.65 8.39
CA ALA B 240 12.80 -30.59 8.76
C ALA B 240 12.14 -29.32 8.26
N PHE B 241 12.87 -28.19 8.32
CA PHE B 241 12.34 -26.91 7.86
C PHE B 241 12.12 -26.92 6.35
N PHE B 242 13.14 -27.35 5.59
CA PHE B 242 13.10 -27.36 4.13
C PHE B 242 12.15 -28.41 3.55
N SER B 243 12.22 -29.65 4.03
CA SER B 243 11.40 -30.73 3.48
C SER B 243 9.99 -30.86 4.06
N VAL B 244 9.72 -30.30 5.27
CA VAL B 244 8.40 -30.47 5.86
C VAL B 244 7.64 -29.13 6.10
N LEU B 245 8.06 -28.30 7.09
CA LEU B 245 7.37 -27.08 7.47
C LEU B 245 7.01 -26.14 6.32
N ARG B 246 7.95 -25.96 5.37
CA ARG B 246 7.82 -25.09 4.19
C ARG B 246 6.51 -25.36 3.41
N ILE B 247 6.14 -26.64 3.26
CA ILE B 247 4.94 -27.08 2.54
C ILE B 247 3.68 -26.40 3.06
N TYR B 248 3.48 -26.45 4.38
CA TYR B 248 2.28 -25.96 5.05
C TYR B 248 2.21 -24.42 5.16
N LEU B 249 3.36 -23.74 5.00
CA LEU B 249 3.43 -22.29 4.97
C LEU B 249 3.09 -21.75 3.56
N SER B 250 3.12 -22.59 2.49
CA SER B 250 2.85 -22.18 1.11
C SER B 250 1.42 -21.70 0.88
N GLY B 251 1.30 -20.64 0.09
CA GLY B 251 0.00 -20.07 -0.24
C GLY B 251 -0.42 -20.36 -1.66
N TRP B 252 -1.40 -19.63 -2.16
CA TRP B 252 -1.91 -19.85 -3.51
C TRP B 252 -1.93 -18.57 -4.36
N LYS B 253 -0.86 -17.78 -4.31
CA LYS B 253 -0.74 -16.57 -5.12
C LYS B 253 0.48 -16.78 -5.97
N GLY B 254 0.29 -17.03 -7.26
CA GLY B 254 1.40 -17.27 -8.17
C GLY B 254 2.08 -18.60 -7.94
N ASN B 255 1.33 -19.59 -7.44
CA ASN B 255 1.82 -20.93 -7.18
C ASN B 255 1.37 -21.83 -8.32
N PRO B 256 2.31 -22.51 -8.99
CA PRO B 256 1.93 -23.40 -10.10
C PRO B 256 1.05 -24.59 -9.68
N GLN B 257 1.02 -24.93 -8.38
CA GLN B 257 0.19 -26.03 -7.87
C GLN B 257 -1.29 -25.63 -7.79
N LEU B 258 -1.60 -24.33 -7.66
CA LEU B 258 -2.97 -23.78 -7.65
C LEU B 258 -2.87 -22.50 -8.48
N SER B 259 -2.60 -22.65 -9.78
CA SER B 259 -2.39 -21.54 -10.70
C SER B 259 -3.46 -20.44 -10.67
N ASP B 260 -4.74 -20.79 -10.43
CA ASP B 260 -5.81 -19.80 -10.38
C ASP B 260 -6.27 -19.40 -8.95
N GLY B 261 -5.69 -20.02 -7.94
CA GLY B 261 -6.06 -19.77 -6.55
C GLY B 261 -6.83 -20.93 -5.97
N LEU B 262 -7.54 -20.68 -4.86
CA LEU B 262 -8.31 -21.73 -4.19
C LEU B 262 -9.78 -21.41 -4.27
N VAL B 263 -10.64 -22.43 -4.45
CA VAL B 263 -12.07 -22.20 -4.50
C VAL B 263 -12.61 -22.18 -3.08
N TYR B 264 -13.24 -21.09 -2.67
CA TYR B 264 -13.84 -21.00 -1.33
C TYR B 264 -15.33 -21.28 -1.51
N GLU B 265 -15.66 -22.57 -1.64
CA GLU B 265 -17.02 -23.08 -1.90
C GLU B 265 -18.11 -22.44 -1.06
N GLY B 266 -19.13 -21.93 -1.72
CA GLY B 266 -20.27 -21.30 -1.06
C GLY B 266 -20.04 -19.89 -0.58
N PHE B 267 -18.91 -19.28 -0.95
CA PHE B 267 -18.59 -17.92 -0.56
C PHE B 267 -18.21 -17.11 -1.80
N TRP B 268 -17.38 -17.69 -2.66
CA TRP B 268 -16.99 -17.03 -3.90
C TRP B 268 -17.24 -17.94 -5.10
N GLU B 269 -17.45 -17.33 -6.27
CA GLU B 269 -17.69 -18.09 -7.50
C GLU B 269 -16.37 -18.49 -8.13
N ASP B 270 -15.45 -17.51 -8.28
CA ASP B 270 -14.12 -17.71 -8.86
C ASP B 270 -13.08 -18.07 -7.78
N PRO B 271 -11.99 -18.80 -8.12
CA PRO B 271 -10.98 -19.12 -7.10
C PRO B 271 -10.12 -17.90 -6.75
N LYS B 272 -9.97 -17.61 -5.46
CA LYS B 272 -9.20 -16.45 -5.02
C LYS B 272 -7.75 -16.80 -4.64
N GLU B 273 -6.80 -15.95 -5.06
CA GLU B 273 -5.37 -16.09 -4.81
C GLU B 273 -4.94 -15.31 -3.57
N PHE B 274 -4.30 -15.97 -2.60
CA PHE B 274 -3.78 -15.30 -1.41
C PHE B 274 -2.37 -15.78 -1.15
N ALA B 275 -1.50 -14.87 -0.71
CA ALA B 275 -0.12 -15.20 -0.39
C ALA B 275 -0.03 -15.97 0.92
N GLY B 276 0.95 -16.86 1.01
CA GLY B 276 1.16 -17.65 2.21
C GLY B 276 1.75 -16.83 3.33
N GLY B 277 1.71 -17.40 4.53
CA GLY B 277 2.24 -16.80 5.75
C GLY B 277 3.68 -16.37 5.59
N SER B 278 3.95 -15.12 5.95
CA SER B 278 5.28 -14.57 5.78
C SER B 278 5.71 -13.69 6.93
N ALA B 279 7.00 -13.72 7.27
CA ALA B 279 7.54 -12.79 8.25
C ALA B 279 7.54 -11.33 7.68
N GLY B 280 7.35 -11.17 6.37
CA GLY B 280 7.14 -9.87 5.73
C GLY B 280 5.83 -9.23 6.17
N GLN B 281 4.97 -9.99 6.89
CA GLN B 281 3.71 -9.54 7.51
C GLN B 281 3.90 -9.10 8.98
N SER B 282 5.16 -9.13 9.50
CA SER B 282 5.51 -8.71 10.85
C SER B 282 5.45 -7.18 10.89
N SER B 283 4.67 -6.64 11.84
CA SER B 283 4.53 -5.21 11.97
C SER B 283 5.72 -4.56 12.67
N VAL B 284 6.45 -5.31 13.53
CA VAL B 284 7.56 -4.72 14.26
C VAL B 284 8.69 -4.31 13.36
N PHE B 285 9.05 -5.16 12.40
CA PHE B 285 10.13 -4.81 11.49
C PHE B 285 9.73 -3.72 10.50
N GLN B 286 8.46 -3.75 10.07
CA GLN B 286 7.98 -2.73 9.16
C GLN B 286 7.92 -1.36 9.85
N CYS B 287 7.55 -1.35 11.14
CA CYS B 287 7.44 -0.11 11.88
C CYS B 287 8.79 0.54 12.17
N PHE B 288 9.88 -0.24 12.31
CA PHE B 288 11.20 0.36 12.53
C PHE B 288 11.78 0.90 11.23
N ASP B 289 11.43 0.31 10.09
CA ASP B 289 11.82 0.85 8.79
C ASP B 289 11.06 2.17 8.54
N VAL B 290 9.78 2.24 8.95
CA VAL B 290 8.98 3.46 8.78
C VAL B 290 9.57 4.54 9.71
N LEU B 291 9.81 4.18 10.97
CA LEU B 291 10.39 5.08 11.97
C LEU B 291 11.72 5.67 11.52
N LEU B 292 12.62 4.84 11.01
CA LEU B 292 13.94 5.32 10.62
C LEU B 292 14.02 5.88 9.18
N GLY B 293 12.89 5.98 8.49
CA GLY B 293 12.86 6.53 7.14
C GLY B 293 13.48 5.64 6.08
N ILE B 294 13.61 4.35 6.36
CA ILE B 294 14.15 3.38 5.41
C ILE B 294 12.97 3.06 4.50
N GLN B 295 13.00 3.60 3.28
CA GLN B 295 11.87 3.43 2.37
C GLN B 295 11.82 2.05 1.74
N GLN B 296 11.48 1.06 2.56
CA GLN B 296 11.40 -0.33 2.12
C GLN B 296 10.31 -0.56 1.13
N THR B 297 9.17 0.12 1.31
CA THR B 297 8.00 0.02 0.45
C THR B 297 8.05 0.96 -0.78
N ALA B 298 9.11 1.78 -0.92
CA ALA B 298 9.26 2.72 -2.03
C ALA B 298 10.25 2.21 -3.10
N GLY B 299 10.09 2.67 -4.32
CA GLY B 299 11.02 2.29 -5.40
C GLY B 299 10.41 1.51 -6.55
N GLY B 300 9.22 0.93 -6.33
CA GLY B 300 8.53 0.17 -7.36
C GLY B 300 9.07 -1.22 -7.66
N GLY B 301 10.14 -1.61 -6.95
CA GLY B 301 10.75 -2.92 -7.09
C GLY B 301 9.94 -4.03 -6.45
N HIS B 302 10.29 -5.30 -6.75
CA HIS B 302 9.57 -6.45 -6.23
C HIS B 302 9.56 -6.55 -4.69
N ALA B 303 10.69 -6.26 -4.04
CA ALA B 303 10.80 -6.31 -2.58
C ALA B 303 9.87 -5.29 -1.93
N ALA B 304 9.80 -4.08 -2.52
CA ALA B 304 8.95 -2.99 -2.05
C ALA B 304 7.47 -3.34 -2.23
N GLN B 305 7.14 -3.97 -3.36
CA GLN B 305 5.79 -4.37 -3.70
C GLN B 305 5.31 -5.42 -2.71
N PHE B 306 6.16 -6.44 -2.47
CA PHE B 306 5.85 -7.53 -1.56
C PHE B 306 5.55 -7.04 -0.14
N LEU B 307 6.40 -6.17 0.41
CA LEU B 307 6.22 -5.67 1.76
C LEU B 307 5.00 -4.79 1.91
N GLN B 308 4.63 -4.06 0.84
CA GLN B 308 3.42 -3.22 0.89
C GLN B 308 2.21 -4.14 0.84
N ASP B 309 2.22 -5.15 -0.05
CA ASP B 309 1.12 -6.11 -0.14
C ASP B 309 0.89 -6.84 1.17
N MET B 310 1.99 -7.17 1.89
CA MET B 310 1.90 -7.89 3.15
C MET B 310 1.24 -7.11 4.28
N ARG B 311 1.08 -5.78 4.12
CA ARG B 311 0.36 -4.99 5.12
C ARG B 311 -1.12 -5.33 5.15
N ARG B 312 -1.69 -5.74 4.00
CA ARG B 312 -3.09 -6.16 3.94
C ARG B 312 -3.34 -7.49 4.71
N TYR B 313 -2.28 -8.24 5.01
CA TYR B 313 -2.30 -9.49 5.75
C TYR B 313 -2.00 -9.31 7.26
N MET B 314 -1.89 -8.05 7.73
CA MET B 314 -1.68 -7.73 9.15
C MET B 314 -3.01 -7.40 9.80
N PRO B 315 -3.17 -7.57 11.15
CA PRO B 315 -4.42 -7.14 11.80
C PRO B 315 -4.72 -5.67 11.48
N PRO B 316 -6.00 -5.31 11.28
CA PRO B 316 -6.32 -3.93 10.87
C PRO B 316 -5.77 -2.86 11.79
N ALA B 317 -5.79 -3.08 13.12
CA ALA B 317 -5.24 -2.11 14.09
C ALA B 317 -3.73 -1.90 13.88
N HIS B 318 -3.00 -2.97 13.53
CA HIS B 318 -1.56 -2.89 13.29
C HIS B 318 -1.23 -2.25 11.98
N ARG B 319 -2.08 -2.44 10.97
CA ARG B 319 -1.96 -1.80 9.67
C ARG B 319 -2.19 -0.29 9.89
N ASN B 320 -3.21 0.10 10.70
CA ASN B 320 -3.52 1.48 11.08
C ASN B 320 -2.34 2.12 11.82
N PHE B 321 -1.67 1.35 12.69
CA PHE B 321 -0.51 1.86 13.41
C PHE B 321 0.62 2.27 12.45
N LEU B 322 0.92 1.41 11.44
CA LEU B 322 1.95 1.71 10.46
C LEU B 322 1.66 2.95 9.68
N CYS B 323 0.39 3.16 9.28
CA CYS B 323 -0.01 4.34 8.52
C CYS B 323 0.12 5.60 9.37
N SER B 324 -0.23 5.51 10.66
CA SER B 324 -0.09 6.64 11.59
C SER B 324 1.37 7.03 11.76
N LEU B 325 2.29 6.06 11.69
CA LEU B 325 3.71 6.36 11.76
C LEU B 325 4.13 7.10 10.50
N GLU B 326 3.63 6.68 9.33
CA GLU B 326 3.92 7.34 8.06
C GLU B 326 3.34 8.78 8.01
N SER B 327 2.25 9.03 8.73
CA SER B 327 1.62 10.35 8.82
C SER B 327 2.45 11.34 9.66
N ASN B 328 3.30 10.83 10.55
CA ASN B 328 4.17 11.65 11.39
C ASN B 328 5.41 12.11 10.62
N PRO B 329 6.06 13.20 11.05
CA PRO B 329 7.24 13.68 10.32
C PRO B 329 8.38 12.67 10.31
N SER B 330 9.27 12.80 9.33
CA SER B 330 10.41 11.93 9.14
C SER B 330 11.50 12.20 10.18
N VAL B 331 11.84 11.15 10.95
CA VAL B 331 12.93 11.20 11.92
C VAL B 331 14.27 11.33 11.14
N ARG B 332 14.40 10.64 10.00
CA ARG B 332 15.61 10.73 9.19
C ARG B 332 15.80 12.16 8.65
N GLU B 333 14.73 12.78 8.14
CA GLU B 333 14.84 14.14 7.61
C GLU B 333 15.22 15.12 8.71
N PHE B 334 14.65 14.94 9.90
CA PHE B 334 14.93 15.77 11.06
C PHE B 334 16.40 15.68 11.44
N VAL B 335 16.95 14.47 11.51
CA VAL B 335 18.33 14.25 11.89
C VAL B 335 19.29 14.82 10.84
N LEU B 336 18.96 14.63 9.56
CA LEU B 336 19.78 15.16 8.47
C LEU B 336 19.81 16.70 8.52
N SER B 337 18.66 17.33 8.83
CA SER B 337 18.53 18.78 8.85
C SER B 337 19.18 19.47 10.06
N LYS B 338 19.85 18.74 10.96
CA LYS B 338 20.34 19.38 12.18
C LYS B 338 21.83 19.69 12.23
N GLY B 339 22.66 19.03 11.42
CA GLY B 339 24.12 19.26 11.43
C GLY B 339 24.70 19.00 12.81
N ASP B 340 24.23 17.91 13.42
CA ASP B 340 24.53 17.45 14.78
C ASP B 340 25.11 16.05 14.67
N ALA B 341 26.41 15.90 14.87
CA ALA B 341 27.08 14.61 14.75
C ALA B 341 26.59 13.58 15.76
N GLY B 342 26.30 14.02 16.98
CA GLY B 342 25.83 13.13 18.03
C GLY B 342 24.48 12.51 17.74
N LEU B 343 23.57 13.33 17.23
CA LEU B 343 22.23 12.93 16.83
C LEU B 343 22.31 11.97 15.62
N ARG B 344 23.25 12.24 14.69
CA ARG B 344 23.47 11.38 13.54
C ARG B 344 24.03 10.03 13.97
N GLU B 345 24.90 10.02 15.00
CA GLU B 345 25.51 8.82 15.56
C GLU B 345 24.46 7.91 16.20
N ALA B 346 23.51 8.52 16.94
CA ALA B 346 22.42 7.80 17.60
C ALA B 346 21.45 7.22 16.56
N TYR B 347 21.17 7.98 15.50
CA TYR B 347 20.29 7.54 14.43
C TYR B 347 20.93 6.34 13.72
N ASP B 348 22.23 6.43 13.43
CA ASP B 348 22.99 5.39 12.75
C ASP B 348 23.15 4.11 13.60
N ALA B 349 23.06 4.24 14.92
CA ALA B 349 23.15 3.10 15.81
C ALA B 349 21.92 2.20 15.60
N CYS B 350 20.73 2.81 15.35
CA CYS B 350 19.46 2.14 15.06
C CYS B 350 19.54 1.43 13.71
N VAL B 351 20.03 2.14 12.71
CA VAL B 351 20.15 1.61 11.36
C VAL B 351 21.12 0.45 11.32
N LYS B 352 22.30 0.59 11.98
CA LYS B 352 23.31 -0.47 12.07
C LYS B 352 22.76 -1.71 12.76
N ALA B 353 21.96 -1.54 13.80
CA ALA B 353 21.35 -2.68 14.50
C ALA B 353 20.37 -3.46 13.59
N LEU B 354 19.72 -2.76 12.65
CA LEU B 354 18.80 -3.37 11.70
C LEU B 354 19.60 -4.10 10.62
N VAL B 355 20.72 -3.51 10.16
CA VAL B 355 21.59 -4.16 9.20
C VAL B 355 22.18 -5.43 9.81
N SER B 356 22.56 -5.38 11.09
CA SER B 356 23.10 -6.54 11.79
C SER B 356 22.06 -7.69 11.89
N LEU B 357 20.81 -7.36 12.20
CA LEU B 357 19.74 -8.34 12.29
C LEU B 357 19.51 -8.99 10.94
N ARG B 358 19.42 -8.18 9.88
CA ARG B 358 19.15 -8.67 8.54
C ARG B 358 20.33 -9.46 7.94
N SER B 359 21.55 -9.14 8.37
CA SER B 359 22.75 -9.83 7.92
C SER B 359 22.87 -11.19 8.62
N TYR B 360 22.50 -11.25 9.90
CA TYR B 360 22.52 -12.52 10.62
C TYR B 360 21.40 -13.43 10.05
N HIS B 361 20.23 -12.85 9.75
CA HIS B 361 19.10 -13.54 9.16
C HIS B 361 19.48 -14.16 7.81
N LEU B 362 20.28 -13.47 6.97
CA LEU B 362 20.73 -13.99 5.67
C LEU B 362 21.62 -15.22 5.83
N GLN B 363 22.43 -15.26 6.91
CA GLN B 363 23.30 -16.40 7.20
C GLN B 363 22.46 -17.60 7.64
N ILE B 364 21.38 -17.35 8.42
CA ILE B 364 20.44 -18.36 8.85
C ILE B 364 19.71 -18.93 7.61
N VAL B 365 19.23 -18.06 6.72
CA VAL B 365 18.53 -18.48 5.49
C VAL B 365 19.46 -19.25 4.55
N THR B 366 20.79 -19.02 4.61
CA THR B 366 21.75 -19.77 3.79
C THR B 366 21.85 -21.21 4.31
N LYS B 367 21.94 -21.36 5.65
CA LYS B 367 22.01 -22.65 6.34
C LYS B 367 20.70 -23.46 6.22
N TYR B 368 19.54 -22.81 6.33
CA TYR B 368 18.24 -23.46 6.36
C TYR B 368 17.50 -23.57 5.03
N ILE B 369 17.87 -22.75 4.04
CA ILE B 369 17.16 -22.80 2.76
C ILE B 369 18.10 -23.00 1.58
N LEU B 370 19.11 -22.14 1.43
CA LEU B 370 20.04 -22.22 0.31
C LEU B 370 20.79 -23.56 0.21
N ILE B 371 21.44 -23.97 1.29
CA ILE B 371 22.22 -25.20 1.32
C ILE B 371 21.31 -26.45 1.23
N PRO B 372 20.21 -26.59 2.01
CA PRO B 372 19.32 -27.77 1.81
C PRO B 372 18.78 -27.89 0.40
N ALA B 373 18.60 -26.76 -0.31
CA ALA B 373 18.11 -26.80 -1.70
C ALA B 373 19.15 -27.43 -2.65
N SER B 374 20.44 -27.27 -2.34
CA SER B 374 21.54 -27.83 -3.11
C SER B 374 21.80 -29.32 -2.81
N GLN B 375 21.29 -29.84 -1.67
CA GLN B 375 21.46 -31.23 -1.27
C GLN B 375 20.18 -32.05 -1.49
N GLY B 396 13.89 -19.86 -3.80
CA GLY B 396 15.18 -20.29 -3.25
C GLY B 396 16.26 -19.25 -3.46
N THR B 397 16.69 -19.07 -4.72
CA THR B 397 17.65 -18.02 -5.04
C THR B 397 16.95 -16.64 -5.02
N ASP B 398 15.63 -16.60 -5.34
CA ASP B 398 14.81 -15.39 -5.33
C ASP B 398 14.64 -14.85 -3.92
N LEU B 399 14.51 -15.75 -2.92
CA LEU B 399 14.39 -15.33 -1.52
C LEU B 399 15.67 -14.66 -1.03
N MET B 400 16.83 -15.10 -1.55
CA MET B 400 18.11 -14.50 -1.22
C MET B 400 18.15 -13.06 -1.72
N ASN B 401 17.70 -12.84 -2.95
CA ASN B 401 17.67 -11.52 -3.55
C ASN B 401 16.71 -10.59 -2.84
N PHE B 402 15.56 -11.12 -2.39
CA PHE B 402 14.57 -10.32 -1.68
C PHE B 402 15.18 -9.81 -0.37
N LEU B 403 15.77 -10.72 0.41
CA LEU B 403 16.37 -10.36 1.69
C LEU B 403 17.57 -9.43 1.51
N LYS B 404 18.38 -9.66 0.47
CA LYS B 404 19.55 -8.83 0.18
C LYS B 404 19.14 -7.43 -0.25
N THR B 405 18.02 -7.30 -0.98
CA THR B 405 17.51 -5.98 -1.39
C THR B 405 17.00 -5.22 -0.17
N VAL B 406 16.30 -5.92 0.75
CA VAL B 406 15.80 -5.32 1.98
C VAL B 406 16.97 -4.87 2.84
N ARG B 407 18.00 -5.72 2.98
CA ARG B 407 19.18 -5.39 3.77
C ARG B 407 19.97 -4.24 3.15
N SER B 408 20.14 -4.23 1.82
CA SER B 408 20.87 -3.20 1.10
C SER B 408 20.20 -1.83 1.29
N THR B 409 18.85 -1.81 1.23
CA THR B 409 18.06 -0.59 1.45
C THR B 409 18.28 -0.06 2.88
N THR B 410 18.44 -0.95 3.86
CA THR B 410 18.71 -0.55 5.24
C THR B 410 20.11 0.04 5.34
N GLU B 411 21.10 -0.63 4.71
CA GLU B 411 22.48 -0.18 4.76
C GLU B 411 22.65 1.19 4.11
N LYS B 412 22.00 1.40 2.95
CA LYS B 412 22.07 2.66 2.23
C LYS B 412 21.41 3.85 2.97
N SER B 413 20.66 3.58 4.05
CA SER B 413 20.05 4.61 4.88
C SER B 413 21.02 5.22 5.91
N LEU B 414 22.23 4.65 6.06
CA LEU B 414 23.21 5.19 7.00
C LEU B 414 23.63 6.59 6.56
N LEU B 415 23.70 7.53 7.50
CA LEU B 415 24.09 8.89 7.18
C LEU B 415 25.62 8.95 7.01
N LYS B 416 26.35 8.31 7.96
CA LYS B 416 27.81 8.28 8.08
C LYS B 416 28.35 9.67 8.47
#